data_8GCA
#
_entry.id   8GCA
#
_cell.length_a   76.066
_cell.length_b   91.719
_cell.length_c   106.132
_cell.angle_alpha   90.000
_cell.angle_beta   90.000
_cell.angle_gamma   90.000
#
_symmetry.space_group_name_H-M   'P 21 21 2'
#
loop_
_entity.id
_entity.type
_entity.pdbx_description
1 polymer 'Acidic mammalian chitinase'
2 branched 2-acetamido-2-deoxy-beta-D-glucopyranose-(1-4)-2-acetamido-2-deoxy-beta-D-glucopyranose-(1-4)-2-acetamido-2-deoxy-beta-D-glucopyranose
3 branched 2-acetamido-2-deoxy-beta-D-glucopyranose-(1-4)-2-acetamido-2-deoxy-beta-D-glucopyranose
4 non-polymer 'MAGNESIUM ION'
5 water water
#
_entity_poly.entity_id   1
_entity_poly.type   'polypeptide(L)'
_entity_poly.pdbx_seq_one_letter_code
;MAKLLLVTGLALLLNAQLGSAYNLICYFTNWAQYRPGLGSFKPDDINPCLCTHLIYAFAGMQNNEITTIEWNDVTLYKAF
NDLKNRNSKLKTLLAIGGWNFGTAPFTTMVSTSQNRQTFITSVIKFLRQYGFDGLDLDWEYPGSRGSPPQDKHLFTVLVK
EMREAFEQEAIESNRPRLMVTAAVAGGISNIQAGYEIPELSKYLDFIHVMTYDLHGSWEGYTGENSPLYKYPTETGSNAY
LNVDYVMNYWKNNGAPAEKLIVGFPEYGHTFILRNPSDNGIGAPTSGDGPAGPYTRQAGFWAYYEICTFLRSGATEVWDA
SQEVPYAYKANEWLGYDNIKSFSVKAQWLKQNNFGGAMIWAIDLDDFTGSFCDQGKFPLTSTLNKALGISTHHHHHH
;
_entity_poly.pdbx_strand_id   A,B
#
# COMPACT_ATOMS: atom_id res chain seq x y z
N TYR A 22 27.31 8.76 17.57
CA TYR A 22 27.02 9.05 16.16
C TYR A 22 25.90 10.08 16.06
N ASN A 23 25.95 10.86 14.98
CA ASN A 23 24.90 11.81 14.67
C ASN A 23 23.99 11.23 13.59
N LEU A 24 22.72 11.62 13.66
CA LEU A 24 21.72 11.30 12.63
C LEU A 24 21.09 12.63 12.23
N ILE A 25 21.47 13.11 11.05
CA ILE A 25 21.11 14.43 10.55
C ILE A 25 19.99 14.26 9.54
N CYS A 26 18.87 14.97 9.73
CA CYS A 26 17.66 14.74 8.96
C CYS A 26 17.27 16.02 8.23
N TYR A 27 17.34 16.00 6.90
CA TYR A 27 16.86 17.11 6.10
C TYR A 27 15.33 17.10 5.97
N PHE A 28 14.73 18.27 6.16
CA PHE A 28 13.32 18.54 5.92
C PHE A 28 13.22 19.56 4.79
N THR A 29 12.30 19.37 3.84
CA THR A 29 12.18 20.27 2.69
C THR A 29 10.89 21.08 2.75
N ASN A 30 10.99 22.37 2.43
CA ASN A 30 9.86 23.27 2.61
C ASN A 30 8.93 23.31 1.40
N TRP A 31 9.08 22.37 0.47
CA TRP A 31 8.11 22.19 -0.61
C TRP A 31 7.34 20.89 -0.46
N ALA A 32 7.68 20.06 0.55
CA ALA A 32 6.92 18.84 0.78
C ALA A 32 5.50 19.13 1.23
N GLN A 33 5.26 20.33 1.74
CA GLN A 33 3.92 20.70 2.19
C GLN A 33 2.91 20.70 1.06
N TYR A 34 3.36 20.88 -0.18
CA TYR A 34 2.47 21.05 -1.33
C TYR A 34 2.07 19.73 -1.96
N ARG A 35 2.64 18.63 -1.50
CA ARG A 35 2.27 17.33 -2.03
C ARG A 35 0.82 17.01 -1.66
N PRO A 36 0.08 16.35 -2.55
CA PRO A 36 -1.35 16.12 -2.27
C PRO A 36 -1.57 15.07 -1.20
N GLY A 37 -2.71 15.21 -0.51
CA GLY A 37 -3.17 14.19 0.41
C GLY A 37 -2.14 13.79 1.45
N LEU A 38 -1.95 12.48 1.60
CA LEU A 38 -1.06 11.92 2.61
C LEU A 38 0.40 12.29 2.38
N GLY A 39 0.73 12.85 1.21
CA GLY A 39 2.10 13.25 0.94
C GLY A 39 2.50 14.55 1.62
N SER A 40 1.54 15.39 1.98
CA SER A 40 1.86 16.70 2.55
C SER A 40 2.61 16.55 3.88
N PHE A 41 3.75 17.22 3.99
CA PHE A 41 4.62 17.06 5.15
C PHE A 41 5.07 18.43 5.63
N LYS A 42 4.85 18.70 6.91
CA LYS A 42 5.26 19.93 7.59
C LYS A 42 6.04 19.56 8.85
N PRO A 43 6.68 20.55 9.48
CA PRO A 43 7.54 20.22 10.63
C PRO A 43 6.84 19.47 11.75
N ASP A 44 5.55 19.71 11.97
CA ASP A 44 4.86 18.99 13.03
C ASP A 44 4.71 17.51 12.74
N ASP A 45 4.95 17.06 11.51
CA ASP A 45 4.97 15.64 11.18
C ASP A 45 6.27 14.95 11.59
N ILE A 46 7.29 15.71 11.97
CA ILE A 46 8.58 15.15 12.35
C ILE A 46 8.51 14.60 13.77
N ASN A 47 8.99 13.39 13.95
CA ASN A 47 9.19 12.85 15.29
C ASN A 47 10.45 13.48 15.90
N PRO A 48 10.30 14.34 16.91
CA PRO A 48 11.48 15.08 17.42
C PRO A 48 12.55 14.21 18.04
N CYS A 49 12.28 12.93 18.33
CA CYS A 49 13.26 12.07 19.01
C CYS A 49 14.04 11.17 18.05
N LEU A 50 13.73 11.19 16.76
CA LEU A 50 14.39 10.24 15.85
C LEU A 50 15.80 10.67 15.50
N CYS A 51 16.03 11.97 15.28
CA CYS A 51 17.29 12.52 14.78
C CYS A 51 18.02 13.27 15.88
N THR A 52 19.32 13.51 15.66
CA THR A 52 20.08 14.39 16.55
C THR A 52 20.12 15.82 16.03
N HIS A 53 20.02 15.99 14.72
CA HIS A 53 20.01 17.29 14.06
C HIS A 53 18.93 17.27 12.98
N LEU A 54 18.24 18.39 12.81
CA LEU A 54 17.30 18.60 11.71
C LEU A 54 17.80 19.78 10.89
N ILE A 55 17.77 19.64 9.57
CA ILE A 55 18.24 20.69 8.68
C ILE A 55 17.08 21.12 7.79
N TYR A 56 16.83 22.42 7.76
CA TYR A 56 15.72 23.00 7.02
C TYR A 56 16.19 23.40 5.62
N ALA A 57 15.66 22.75 4.59
CA ALA A 57 15.99 23.07 3.20
C ALA A 57 14.79 23.73 2.54
N PHE A 58 14.97 24.93 1.99
CA PHE A 58 16.16 25.73 1.83
C PHE A 58 15.86 27.20 2.09
N ALA A 59 16.88 27.95 2.49
CA ALA A 59 16.87 29.40 2.40
C ALA A 59 17.48 29.85 1.07
N GLY A 60 17.20 31.10 0.72
CA GLY A 60 17.72 31.72 -0.48
C GLY A 60 18.60 32.91 -0.16
N MET A 61 18.83 33.77 -1.14
CA MET A 61 19.74 34.88 -1.01
C MET A 61 19.22 36.05 -1.82
N GLN A 62 19.30 37.26 -1.25
CA GLN A 62 18.97 38.49 -1.97
C GLN A 62 19.93 39.59 -1.52
N ASN A 63 20.57 40.24 -2.48
CA ASN A 63 21.54 41.30 -2.17
C ASN A 63 22.58 40.82 -1.18
N ASN A 64 23.05 39.59 -1.39
CA ASN A 64 24.09 38.97 -0.56
C ASN A 64 23.67 38.76 0.88
N GLU A 65 22.37 38.70 1.15
CA GLU A 65 21.85 38.38 2.48
C GLU A 65 20.93 37.18 2.40
N ILE A 66 20.96 36.36 3.45
CA ILE A 66 20.09 35.18 3.48
C ILE A 66 18.63 35.61 3.63
N THR A 67 17.74 34.85 2.99
CA THR A 67 16.32 35.19 2.98
C THR A 67 15.48 33.92 2.94
N THR A 68 14.20 34.08 3.23
CA THR A 68 13.19 33.04 3.03
C THR A 68 12.96 32.81 1.54
N ILE A 69 12.27 31.71 1.23
CA ILE A 69 11.87 31.47 -0.16
C ILE A 69 10.39 31.14 -0.32
N GLU A 70 9.79 30.54 0.70
CA GLU A 70 8.37 30.19 0.65
C GLU A 70 7.56 31.20 1.47
N TRP A 71 6.32 31.44 1.02
CA TRP A 71 5.46 32.44 1.65
C TRP A 71 5.28 32.19 3.15
N ASN A 72 5.32 30.93 3.61
CA ASN A 72 5.08 30.60 5.00
C ASN A 72 6.33 30.08 5.70
N ASP A 73 7.51 30.41 5.19
CA ASP A 73 8.74 29.95 5.85
C ASP A 73 8.80 30.39 7.30
N VAL A 74 8.34 31.62 7.61
CA VAL A 74 8.39 32.08 9.00
C VAL A 74 7.55 31.17 9.88
N THR A 75 6.35 30.80 9.41
CA THR A 75 5.52 29.87 10.16
C THR A 75 6.21 28.52 10.33
N LEU A 76 6.79 28.00 9.25
CA LEU A 76 7.42 26.69 9.35
C LEU A 76 8.71 26.73 10.16
N TYR A 77 9.47 27.83 10.09
CA TYR A 77 10.63 27.96 10.95
C TYR A 77 10.25 27.77 12.41
N LYS A 78 9.17 28.42 12.84
CA LYS A 78 8.79 28.37 14.25
C LYS A 78 8.33 26.97 14.62
N ALA A 79 7.57 26.30 13.73
CA ALA A 79 7.16 24.93 14.02
C ALA A 79 8.38 24.01 14.08
N PHE A 80 9.35 24.25 13.19
CA PHE A 80 10.56 23.45 13.11
C PHE A 80 11.40 23.58 14.37
N ASN A 81 11.69 24.81 14.76
CA ASN A 81 12.55 24.99 15.92
C ASN A 81 11.81 24.75 17.23
N ASP A 82 10.48 24.83 17.23
CA ASP A 82 9.71 24.42 18.39
C ASP A 82 9.85 22.94 18.69
N LEU A 83 10.25 22.12 17.70
CA LEU A 83 10.50 20.71 17.97
C LEU A 83 11.52 20.52 19.08
N LYS A 84 12.42 21.47 19.25
CA LYS A 84 13.44 21.35 20.30
C LYS A 84 12.83 21.48 21.69
N ASN A 85 11.62 22.03 21.80
CA ASN A 85 10.92 22.05 23.07
C ASN A 85 10.53 20.66 23.53
N ARG A 86 10.55 19.68 22.63
CA ARG A 86 10.18 18.30 22.95
C ARG A 86 11.38 17.36 22.99
N ASN A 87 12.57 17.87 22.72
CA ASN A 87 13.78 17.06 22.74
C ASN A 87 14.93 18.02 23.02
N SER A 88 15.42 18.01 24.27
CA SER A 88 16.40 18.99 24.71
C SER A 88 17.79 18.76 24.13
N LYS A 89 18.04 17.63 23.49
CA LYS A 89 19.31 17.40 22.81
C LYS A 89 19.28 17.78 21.34
N LEU A 90 18.10 18.01 20.77
CA LEU A 90 17.98 18.25 19.33
C LEU A 90 18.57 19.61 18.97
N LYS A 91 19.32 19.64 17.87
CA LYS A 91 19.78 20.89 17.26
C LYS A 91 19.20 21.01 15.85
N THR A 92 19.03 22.24 15.41
CA THR A 92 18.49 22.52 14.09
C THR A 92 19.46 23.42 13.33
N LEU A 93 19.48 23.25 12.02
CA LEU A 93 20.27 24.08 11.12
C LEU A 93 19.39 24.50 9.95
N LEU A 94 19.78 25.60 9.31
CA LEU A 94 19.13 26.10 8.10
C LEU A 94 20.09 25.91 6.95
N ALA A 95 19.63 25.26 5.89
CA ALA A 95 20.46 25.04 4.71
C ALA A 95 20.16 26.12 3.68
N ILE A 96 21.21 26.63 3.04
CA ILE A 96 21.04 27.60 1.99
C ILE A 96 21.54 27.04 0.66
N GLY A 97 20.75 27.25 -0.38
CA GLY A 97 21.14 26.85 -1.72
C GLY A 97 20.33 25.71 -2.28
N GLY A 98 21.00 24.60 -2.57
CA GLY A 98 20.37 23.46 -3.21
C GLY A 98 20.58 23.45 -4.71
N TRP A 99 20.09 22.39 -5.33
CA TRP A 99 20.34 22.16 -6.74
C TRP A 99 19.75 23.27 -7.62
N ASN A 100 18.44 23.53 -7.48
CA ASN A 100 17.80 24.49 -8.36
C ASN A 100 18.28 25.91 -8.14
N PHE A 101 18.83 26.20 -6.96
CA PHE A 101 19.36 27.53 -6.68
C PHE A 101 20.52 27.89 -7.58
N GLY A 102 21.29 26.90 -8.01
CA GLY A 102 22.41 27.17 -8.91
C GLY A 102 23.57 27.81 -8.17
N THR A 103 24.45 28.47 -8.94
CA THR A 103 25.70 28.97 -8.38
C THR A 103 25.87 30.47 -8.43
N ALA A 104 25.20 31.17 -9.35
CA ALA A 104 25.50 32.59 -9.54
C ALA A 104 25.42 33.42 -8.26
N PRO A 105 24.41 33.29 -7.39
CA PRO A 105 24.41 34.12 -6.17
C PRO A 105 25.59 33.81 -5.26
N PHE A 106 26.01 32.55 -5.17
CA PHE A 106 27.16 32.21 -4.33
C PHE A 106 28.44 32.84 -4.89
N THR A 107 28.64 32.73 -6.20
CA THR A 107 29.81 33.32 -6.85
C THR A 107 29.89 34.81 -6.58
N THR A 108 28.80 35.54 -6.80
CA THR A 108 28.79 36.97 -6.50
C THR A 108 29.07 37.23 -5.03
N MET A 109 28.46 36.44 -4.14
CA MET A 109 28.60 36.71 -2.72
C MET A 109 30.03 36.49 -2.23
N VAL A 110 30.73 35.47 -2.74
CA VAL A 110 32.08 35.20 -2.26
C VAL A 110 33.13 36.03 -2.97
N SER A 111 32.75 36.76 -4.03
CA SER A 111 33.75 37.40 -4.88
C SER A 111 34.53 38.48 -4.15
N THR A 112 33.97 39.09 -3.11
CA THR A 112 34.66 40.17 -2.40
C THR A 112 34.47 40.01 -0.91
N SER A 113 35.43 40.54 -0.14
CA SER A 113 35.29 40.53 1.31
C SER A 113 34.07 41.30 1.75
N GLN A 114 33.72 42.38 1.05
CA GLN A 114 32.52 43.16 1.40
C GLN A 114 31.26 42.30 1.30
N ASN A 115 31.13 41.52 0.22
CA ASN A 115 29.93 40.72 0.05
C ASN A 115 29.88 39.57 1.05
N ARG A 116 31.03 38.95 1.36
CA ARG A 116 31.05 37.88 2.35
C ARG A 116 30.69 38.41 3.74
N GLN A 117 31.13 39.62 4.09
CA GLN A 117 30.79 40.16 5.39
C GLN A 117 29.30 40.48 5.46
N THR A 118 28.74 41.03 4.38
CA THR A 118 27.30 41.27 4.32
C THR A 118 26.55 39.98 4.57
N PHE A 119 26.97 38.90 3.93
CA PHE A 119 26.27 37.63 4.05
C PHE A 119 26.41 37.04 5.46
N ILE A 120 27.64 36.94 5.97
CA ILE A 120 27.86 36.36 7.29
C ILE A 120 27.08 37.12 8.35
N THR A 121 27.11 38.46 8.30
CA THR A 121 26.35 39.25 9.26
C THR A 121 24.85 38.94 9.17
N SER A 122 24.33 38.79 7.95
CA SER A 122 22.90 38.50 7.81
C SER A 122 22.57 37.11 8.33
N VAL A 123 23.50 36.14 8.18
CA VAL A 123 23.24 34.79 8.68
C VAL A 123 23.14 34.77 10.19
N ILE A 124 24.10 35.42 10.89
CA ILE A 124 24.05 35.43 12.34
C ILE A 124 22.70 35.96 12.82
N LYS A 125 22.29 37.10 12.26
CA LYS A 125 21.04 37.72 12.67
C LYS A 125 19.85 36.82 12.34
N PHE A 126 19.86 36.24 11.15
CA PHE A 126 18.76 35.40 10.69
C PHE A 126 18.61 34.14 11.53
N LEU A 127 19.73 33.43 11.78
CA LEU A 127 19.66 32.22 12.59
C LEU A 127 19.25 32.53 14.02
N ARG A 128 19.79 33.59 14.61
CA ARG A 128 19.41 33.93 15.98
C ARG A 128 17.97 34.41 16.05
N GLN A 129 17.51 35.12 15.02
CA GLN A 129 16.14 35.62 15.05
C GLN A 129 15.13 34.48 15.01
N TYR A 130 15.35 33.48 14.17
CA TYR A 130 14.36 32.43 13.95
C TYR A 130 14.63 31.14 14.72
N GLY A 131 15.71 31.08 15.48
CA GLY A 131 15.90 29.99 16.42
C GLY A 131 16.71 28.81 15.92
N PHE A 132 17.54 29.01 14.91
CA PHE A 132 18.40 27.94 14.37
C PHE A 132 19.73 27.89 15.11
N ASP A 133 20.32 26.70 15.13
CA ASP A 133 21.61 26.48 15.78
C ASP A 133 22.79 26.47 14.84
N GLY A 134 22.59 26.69 13.54
CA GLY A 134 23.69 26.67 12.59
C GLY A 134 23.22 26.84 11.17
N LEU A 135 24.20 26.97 10.28
CA LEU A 135 23.96 27.11 8.85
C LEU A 135 24.59 25.93 8.13
N ASP A 136 23.84 25.32 7.21
CA ASP A 136 24.33 24.32 6.28
C ASP A 136 24.48 24.93 4.90
N LEU A 137 25.71 25.01 4.41
CA LEU A 137 25.97 25.55 3.07
C LEU A 137 25.76 24.46 2.04
N ASP A 138 24.82 24.68 1.12
N ASP A 138 24.82 24.66 1.11
CA ASP A 138 24.55 23.70 0.07
CA ASP A 138 24.57 23.68 0.07
C ASP A 138 24.74 24.30 -1.33
C ASP A 138 24.74 24.28 -1.32
N TRP A 139 25.95 24.75 -1.60
CA TRP A 139 26.31 25.27 -2.92
C TRP A 139 26.65 24.11 -3.82
N GLU A 140 25.89 23.94 -4.89
CA GLU A 140 26.06 22.86 -5.85
C GLU A 140 26.45 23.45 -7.21
N TYR A 141 27.75 23.62 -7.43
CA TYR A 141 28.90 23.41 -6.55
C TYR A 141 29.94 24.48 -6.87
N PRO A 142 30.81 24.81 -5.92
CA PRO A 142 31.93 25.69 -6.25
C PRO A 142 32.75 25.09 -7.38
N GLY A 143 33.10 25.91 -8.35
CA GLY A 143 33.91 25.45 -9.46
C GLY A 143 33.18 24.73 -10.57
N SER A 144 31.87 24.49 -10.45
CA SER A 144 31.12 23.78 -11.48
C SER A 144 29.79 24.49 -11.70
N ARG A 145 29.02 23.99 -12.67
CA ARG A 145 27.69 24.53 -13.01
C ARG A 145 27.72 26.05 -13.11
N GLY A 146 28.73 26.56 -13.82
CA GLY A 146 28.87 27.98 -14.08
C GLY A 146 29.79 28.72 -13.13
N SER A 147 30.08 28.14 -11.97
CA SER A 147 30.95 28.79 -11.00
C SER A 147 32.39 28.78 -11.50
N PRO A 148 33.11 29.89 -11.44
CA PRO A 148 34.47 29.94 -12.03
C PRO A 148 35.50 29.29 -11.13
N PRO A 149 36.71 29.04 -11.64
CA PRO A 149 37.68 28.23 -10.87
C PRO A 149 38.11 28.85 -9.56
N GLN A 150 38.12 30.18 -9.45
CA GLN A 150 38.55 30.82 -8.21
C GLN A 150 37.59 30.54 -7.05
N ASP A 151 36.40 30.01 -7.32
CA ASP A 151 35.43 29.76 -6.24
C ASP A 151 35.80 28.56 -5.39
N LYS A 152 36.66 27.68 -5.89
CA LYS A 152 37.18 26.60 -5.03
C LYS A 152 37.88 27.19 -3.80
N HIS A 153 38.76 28.17 -4.00
CA HIS A 153 39.43 28.76 -2.84
C HIS A 153 38.53 29.77 -2.11
N LEU A 154 37.70 30.52 -2.84
CA LEU A 154 36.85 31.50 -2.18
C LEU A 154 35.81 30.82 -1.31
N PHE A 155 35.40 29.60 -1.66
CA PHE A 155 34.56 28.81 -0.75
C PHE A 155 35.26 28.54 0.57
N THR A 156 36.54 28.15 0.51
CA THR A 156 37.29 27.97 1.75
C THR A 156 37.34 29.25 2.55
N VAL A 157 37.57 30.38 1.88
CA VAL A 157 37.65 31.66 2.59
C VAL A 157 36.31 31.99 3.25
N LEU A 158 35.20 31.79 2.52
CA LEU A 158 33.88 32.03 3.11
C LEU A 158 33.70 31.21 4.38
N VAL A 159 34.01 29.91 4.31
CA VAL A 159 33.79 29.03 5.46
C VAL A 159 34.69 29.43 6.62
N LYS A 160 35.96 29.75 6.33
CA LYS A 160 36.87 30.22 7.37
C LYS A 160 36.32 31.47 8.07
N GLU A 161 35.91 32.46 7.29
CA GLU A 161 35.39 33.69 7.87
C GLU A 161 34.10 33.45 8.63
N MET A 162 33.26 32.53 8.17
N MET A 162 33.25 32.54 8.15
CA MET A 162 32.01 32.27 8.88
CA MET A 162 32.01 32.24 8.84
C MET A 162 32.25 31.55 10.20
C MET A 162 32.27 31.57 10.19
N ARG A 163 33.15 30.55 10.20
CA ARG A 163 33.50 29.89 11.44
C ARG A 163 34.05 30.89 12.44
N GLU A 164 34.94 31.77 11.98
CA GLU A 164 35.53 32.77 12.88
C GLU A 164 34.48 33.72 13.42
N ALA A 165 33.55 34.18 12.56
CA ALA A 165 32.48 35.05 13.02
C ALA A 165 31.59 34.33 14.02
N PHE A 166 31.30 33.04 13.77
CA PHE A 166 30.46 32.29 14.69
C PHE A 166 31.15 32.12 16.05
N GLU A 167 32.46 31.85 16.05
CA GLU A 167 33.19 31.72 17.30
C GLU A 167 33.13 33.01 18.11
N GLN A 168 33.25 34.15 17.43
CA GLN A 168 33.25 35.42 18.14
C GLN A 168 31.87 35.76 18.68
N GLU A 169 30.81 35.46 17.91
CA GLU A 169 29.45 35.75 18.35
C GLU A 169 29.06 34.89 19.53
N ALA A 170 29.56 33.65 19.57
CA ALA A 170 29.25 32.76 20.68
C ALA A 170 29.75 33.35 21.99
N ILE A 171 31.00 33.83 21.98
CA ILE A 171 31.58 34.38 23.20
C ILE A 171 30.90 35.70 23.54
N GLU A 172 30.71 36.55 22.53
CA GLU A 172 30.12 37.87 22.79
C GLU A 172 28.69 37.78 23.29
N SER A 173 27.94 36.74 22.90
CA SER A 173 26.55 36.59 23.31
C SER A 173 26.36 35.54 24.39
N ASN A 174 27.44 34.95 24.90
CA ASN A 174 27.39 33.91 25.91
C ASN A 174 26.39 32.82 25.55
N ARG A 175 26.39 32.41 24.28
CA ARG A 175 25.58 31.31 23.79
C ARG A 175 26.46 30.24 23.15
N PRO A 176 26.00 28.99 23.11
CA PRO A 176 26.75 27.97 22.37
C PRO A 176 26.93 28.42 20.92
N ARG A 177 28.07 28.06 20.35
CA ARG A 177 28.43 28.57 19.03
C ARG A 177 27.50 28.01 17.96
N LEU A 178 27.14 28.86 17.02
CA LEU A 178 26.42 28.42 15.82
C LEU A 178 27.31 27.48 15.02
N MET A 179 26.73 26.39 14.55
CA MET A 179 27.45 25.43 13.74
C MET A 179 27.54 25.91 12.29
N VAL A 180 28.62 25.56 11.61
CA VAL A 180 28.73 25.77 10.17
C VAL A 180 29.03 24.42 9.53
N THR A 181 28.15 23.96 8.65
CA THR A 181 28.30 22.69 7.96
C THR A 181 28.15 22.90 6.46
N ALA A 182 28.44 21.84 5.71
CA ALA A 182 28.26 21.92 4.27
C ALA A 182 27.87 20.56 3.73
N ALA A 183 26.90 20.59 2.80
CA ALA A 183 26.60 19.44 1.96
C ALA A 183 27.51 19.53 0.74
N VAL A 184 28.23 18.44 0.46
CA VAL A 184 29.30 18.45 -0.53
C VAL A 184 29.09 17.35 -1.57
N ALA A 185 29.71 17.57 -2.72
CA ALA A 185 29.51 16.69 -3.85
C ALA A 185 30.02 15.29 -3.55
N GLY A 186 29.39 14.32 -4.20
CA GLY A 186 29.84 12.95 -4.17
C GLY A 186 30.46 12.51 -5.48
N GLY A 187 30.45 13.37 -6.50
CA GLY A 187 31.09 13.06 -7.77
C GLY A 187 32.52 13.55 -7.78
N ILE A 188 33.44 12.70 -8.24
CA ILE A 188 34.86 13.00 -8.11
C ILE A 188 35.24 14.23 -8.91
N SER A 189 34.70 14.39 -10.11
CA SER A 189 35.03 15.58 -10.88
C SER A 189 34.59 16.85 -10.14
N ASN A 190 33.40 16.81 -9.52
CA ASN A 190 32.91 17.98 -8.80
C ASN A 190 33.73 18.20 -7.54
N ILE A 191 34.11 17.13 -6.85
CA ILE A 191 34.94 17.28 -5.66
C ILE A 191 36.27 17.93 -6.01
N GLN A 192 36.91 17.46 -7.08
CA GLN A 192 38.23 18.00 -7.43
C GLN A 192 38.14 19.44 -7.86
N ALA A 193 37.05 19.82 -8.51
CA ALA A 193 36.88 21.20 -8.98
C ALA A 193 36.46 22.15 -7.88
N GLY A 194 35.90 21.65 -6.77
CA GLY A 194 35.18 22.49 -5.85
C GLY A 194 35.78 22.73 -4.47
N TYR A 195 36.59 21.80 -3.94
CA TYR A 195 36.92 21.84 -2.52
C TYR A 195 38.40 21.70 -2.23
N GLU A 196 38.91 22.60 -1.38
CA GLU A 196 40.22 22.46 -0.75
C GLU A 196 40.00 21.68 0.54
N ILE A 197 40.06 20.35 0.42
CA ILE A 197 39.52 19.51 1.49
C ILE A 197 40.27 19.69 2.79
N PRO A 198 41.60 19.69 2.84
CA PRO A 198 42.28 19.83 4.13
C PRO A 198 41.92 21.12 4.87
N GLU A 199 41.99 22.28 4.22
CA GLU A 199 41.68 23.53 4.90
C GLU A 199 40.19 23.64 5.20
N LEU A 200 39.34 23.33 4.22
CA LEU A 200 37.91 23.37 4.46
C LEU A 200 37.53 22.53 5.66
N SER A 201 38.14 21.34 5.80
CA SER A 201 37.79 20.43 6.88
C SER A 201 38.16 20.99 8.25
N LYS A 202 39.15 21.88 8.32
CA LYS A 202 39.50 22.46 9.62
C LYS A 202 38.38 23.34 10.17
N TYR A 203 37.65 24.03 9.30
CA TYR A 203 36.69 25.04 9.72
C TYR A 203 35.24 24.56 9.75
N LEU A 204 34.89 23.56 8.96
CA LEU A 204 33.55 22.99 9.02
C LEU A 204 33.41 22.13 10.27
N ASP A 205 32.23 22.20 10.89
CA ASP A 205 31.89 21.30 11.98
C ASP A 205 31.60 19.91 11.46
N PHE A 206 30.81 19.82 10.39
CA PHE A 206 30.49 18.55 9.77
C PHE A 206 30.44 18.71 8.25
N ILE A 207 30.71 17.61 7.56
CA ILE A 207 30.77 17.54 6.12
C ILE A 207 29.73 16.49 5.72
N HIS A 208 28.64 16.95 5.11
CA HIS A 208 27.51 16.10 4.73
C HIS A 208 27.73 15.65 3.28
N VAL A 209 28.27 14.45 3.11
CA VAL A 209 28.67 14.01 1.77
C VAL A 209 27.45 13.43 1.05
N MET A 210 27.14 13.98 -0.11
CA MET A 210 25.96 13.57 -0.87
C MET A 210 26.25 12.29 -1.66
N THR A 211 26.32 11.19 -0.92
CA THR A 211 26.57 9.86 -1.50
C THR A 211 25.25 9.27 -2.01
N TYR A 212 24.66 9.98 -2.97
CA TYR A 212 23.47 9.51 -3.64
C TYR A 212 23.42 10.19 -5.00
N ASP A 213 22.39 9.87 -5.78
CA ASP A 213 22.33 10.30 -7.18
C ASP A 213 23.58 9.87 -7.92
N LEU A 214 24.17 8.74 -7.51
CA LEU A 214 25.39 8.26 -8.14
C LEU A 214 25.13 7.63 -9.50
N HIS A 215 23.91 7.13 -9.73
CA HIS A 215 23.44 6.70 -11.04
C HIS A 215 22.05 7.30 -11.25
N GLY A 216 21.65 7.42 -12.50
CA GLY A 216 20.34 7.95 -12.83
C GLY A 216 20.15 7.88 -14.32
N SER A 217 18.90 8.14 -14.75
CA SER A 217 18.54 7.97 -16.15
C SER A 217 19.39 8.84 -17.08
N TRP A 218 20.00 9.90 -16.56
CA TRP A 218 20.88 10.74 -17.38
C TRP A 218 21.99 9.94 -18.05
N GLU A 219 22.37 8.78 -17.47
CA GLU A 219 23.47 8.00 -18.00
C GLU A 219 23.05 7.07 -19.14
N GLY A 220 21.75 6.89 -19.36
CA GLY A 220 21.29 6.03 -20.45
C GLY A 220 21.22 4.56 -20.12
N TYR A 221 21.47 4.18 -18.87
CA TYR A 221 21.36 2.79 -18.45
C TYR A 221 21.03 2.76 -16.97
N THR A 222 20.57 1.60 -16.50
CA THR A 222 20.17 1.46 -15.11
C THR A 222 21.39 1.43 -14.19
N GLY A 223 21.22 1.99 -13.01
CA GLY A 223 22.24 1.90 -11.99
C GLY A 223 21.62 2.25 -10.65
N GLU A 224 22.36 1.93 -9.59
CA GLU A 224 21.86 2.15 -8.24
C GLU A 224 22.09 3.59 -7.77
N ASN A 225 21.15 4.07 -6.96
CA ASN A 225 21.21 5.45 -6.48
C ASN A 225 22.36 5.63 -5.50
N SER A 226 22.55 4.69 -4.59
CA SER A 226 23.54 4.80 -3.52
C SER A 226 24.13 3.43 -3.22
N PRO A 227 24.77 2.80 -4.20
CA PRO A 227 25.43 1.52 -3.93
C PRO A 227 26.59 1.69 -2.95
N LEU A 228 26.76 0.70 -2.07
CA LEU A 228 27.86 0.76 -1.12
C LEU A 228 29.20 0.52 -1.82
N TYR A 229 29.25 -0.46 -2.71
CA TYR A 229 30.48 -0.89 -3.33
C TYR A 229 30.34 -0.80 -4.84
N LYS A 230 31.48 -0.84 -5.53
CA LYS A 230 31.45 -0.87 -6.98
C LYS A 230 30.84 -2.16 -7.49
N TYR A 231 30.21 -2.07 -8.66
CA TYR A 231 29.76 -3.28 -9.36
C TYR A 231 30.98 -3.99 -9.95
N PRO A 232 31.01 -5.32 -9.94
CA PRO A 232 32.27 -6.02 -10.27
C PRO A 232 32.87 -5.66 -11.62
N THR A 233 32.07 -5.33 -12.63
CA THR A 233 32.59 -5.06 -13.96
C THR A 233 32.63 -3.57 -14.31
N GLU A 234 32.59 -2.70 -13.30
CA GLU A 234 32.72 -1.27 -13.54
C GLU A 234 34.19 -0.89 -13.63
N THR A 235 34.54 -0.10 -14.66
CA THR A 235 35.92 0.27 -14.89
C THR A 235 36.06 1.78 -15.05
N GLY A 236 37.27 2.26 -14.80
CA GLY A 236 37.55 3.66 -15.01
C GLY A 236 36.80 4.51 -14.01
N SER A 237 36.32 5.66 -14.47
CA SER A 237 35.60 6.57 -13.60
C SER A 237 34.32 5.95 -13.06
N ASN A 238 33.73 4.99 -13.79
CA ASN A 238 32.51 4.35 -13.27
C ASN A 238 32.76 3.66 -11.94
N ALA A 239 34.01 3.25 -11.68
CA ALA A 239 34.34 2.59 -10.43
C ALA A 239 34.36 3.54 -9.24
N TYR A 240 34.18 4.83 -9.45
CA TYR A 240 34.11 5.80 -8.36
C TYR A 240 32.71 5.94 -7.79
N LEU A 241 31.69 5.41 -8.47
CA LEU A 241 30.29 5.75 -8.20
C LEU A 241 29.69 4.80 -7.15
N ASN A 242 30.23 4.87 -5.94
CA ASN A 242 29.75 4.08 -4.81
C ASN A 242 30.17 4.79 -3.52
N VAL A 243 29.42 4.49 -2.46
CA VAL A 243 29.59 5.18 -1.19
C VAL A 243 31.00 4.95 -0.63
N ASP A 244 31.49 3.71 -0.73
CA ASP A 244 32.80 3.36 -0.21
C ASP A 244 33.89 4.24 -0.82
N TYR A 245 33.90 4.35 -2.16
CA TYR A 245 34.95 5.14 -2.78
C TYR A 245 34.83 6.61 -2.39
N VAL A 246 33.60 7.13 -2.38
CA VAL A 246 33.42 8.58 -2.19
C VAL A 246 33.76 8.99 -0.77
N MET A 247 33.27 8.24 0.22
CA MET A 247 33.59 8.56 1.60
C MET A 247 35.09 8.44 1.87
N ASN A 248 35.72 7.40 1.31
CA ASN A 248 37.17 7.23 1.49
C ASN A 248 37.98 8.25 0.70
N TYR A 249 37.43 8.78 -0.39
CA TYR A 249 38.08 9.88 -1.09
C TYR A 249 38.18 11.10 -0.19
N TRP A 250 37.05 11.49 0.42
CA TRP A 250 37.07 12.60 1.36
C TRP A 250 38.03 12.32 2.51
N LYS A 251 37.94 11.13 3.08
CA LYS A 251 38.73 10.79 4.27
C LYS A 251 40.22 10.81 3.98
N ASN A 252 40.63 10.30 2.82
CA ASN A 252 42.04 10.18 2.49
C ASN A 252 42.58 11.38 1.74
N ASN A 253 41.78 12.44 1.53
CA ASN A 253 42.27 13.68 0.96
C ASN A 253 42.13 14.85 1.92
N GLY A 254 41.99 14.58 3.21
CA GLY A 254 42.15 15.63 4.20
C GLY A 254 41.07 15.73 5.27
N ALA A 255 39.94 15.07 5.08
CA ALA A 255 38.83 15.26 6.02
C ALA A 255 38.88 14.24 7.15
N PRO A 256 38.80 14.67 8.41
CA PRO A 256 38.73 13.72 9.53
C PRO A 256 37.47 12.86 9.45
N ALA A 257 37.63 11.55 9.68
CA ALA A 257 36.48 10.66 9.65
C ALA A 257 35.36 11.15 10.55
N GLU A 258 35.69 11.67 11.73
CA GLU A 258 34.66 12.03 12.70
C GLU A 258 33.79 13.19 12.22
N LYS A 259 34.27 13.98 11.26
CA LYS A 259 33.46 15.07 10.72
C LYS A 259 32.66 14.66 9.50
N LEU A 260 32.99 13.52 8.91
CA LEU A 260 32.34 13.05 7.68
C LEU A 260 31.03 12.36 8.00
N ILE A 261 29.96 12.78 7.32
CA ILE A 261 28.63 12.22 7.48
C ILE A 261 28.22 11.60 6.15
N VAL A 262 27.80 10.34 6.19
CA VAL A 262 27.42 9.57 5.00
C VAL A 262 26.00 9.92 4.59
N GLY A 263 25.80 10.14 3.30
CA GLY A 263 24.47 10.47 2.79
C GLY A 263 23.63 9.22 2.53
N PHE A 264 22.41 9.25 3.03
CA PHE A 264 21.44 8.15 2.89
C PHE A 264 20.21 8.65 2.17
N PRO A 265 19.89 8.15 0.99
CA PRO A 265 18.66 8.62 0.31
C PRO A 265 17.43 7.82 0.72
N GLU A 266 16.35 8.51 1.05
CA GLU A 266 15.07 7.86 1.36
C GLU A 266 14.14 7.93 0.15
N TYR A 267 14.72 7.73 -1.03
CA TYR A 267 14.04 7.80 -2.32
C TYR A 267 14.87 6.91 -3.25
N GLY A 268 14.31 6.65 -4.43
CA GLY A 268 15.03 5.93 -5.46
C GLY A 268 14.84 6.60 -6.80
N HIS A 269 15.64 6.15 -7.78
CA HIS A 269 15.56 6.70 -9.13
C HIS A 269 14.88 5.71 -10.06
N THR A 270 14.09 6.24 -10.98
CA THR A 270 13.32 5.44 -11.92
C THR A 270 13.85 5.59 -13.33
N PHE A 271 13.63 4.55 -14.10
CA PHE A 271 14.09 4.46 -15.48
C PHE A 271 13.01 3.76 -16.30
N ILE A 272 12.97 4.06 -17.59
CA ILE A 272 12.24 3.26 -18.58
C ILE A 272 13.26 2.38 -19.30
N LEU A 273 13.03 1.08 -19.23
CA LEU A 273 13.92 0.12 -19.90
C LEU A 273 13.70 0.16 -21.40
N ARG A 274 14.80 0.24 -22.15
CA ARG A 274 14.72 0.16 -23.61
C ARG A 274 14.21 -1.19 -24.07
N ASN A 275 14.28 -2.22 -23.23
CA ASN A 275 13.89 -3.58 -23.57
C ASN A 275 13.56 -4.37 -22.30
N PRO A 276 12.27 -4.61 -22.01
CA PRO A 276 11.91 -5.20 -20.72
C PRO A 276 12.66 -6.45 -20.32
N SER A 277 13.08 -7.29 -21.28
CA SER A 277 13.82 -8.49 -20.92
C SER A 277 15.24 -8.18 -20.46
N ASP A 278 15.74 -6.97 -20.73
CA ASP A 278 17.06 -6.52 -20.26
C ASP A 278 16.81 -5.62 -19.05
N ASN A 279 16.87 -6.22 -17.85
CA ASN A 279 16.43 -5.55 -16.63
C ASN A 279 17.42 -5.70 -15.47
N GLY A 280 18.70 -5.87 -15.78
CA GLY A 280 19.74 -5.93 -14.78
C GLY A 280 20.38 -4.58 -14.56
N ILE A 281 21.46 -4.59 -13.78
CA ILE A 281 22.29 -3.40 -13.62
C ILE A 281 22.99 -3.10 -14.93
N GLY A 282 22.87 -1.86 -15.40
CA GLY A 282 23.47 -1.47 -16.66
C GLY A 282 22.62 -1.72 -17.88
N ALA A 283 21.38 -2.16 -17.70
CA ALA A 283 20.47 -2.31 -18.84
C ALA A 283 20.23 -0.96 -19.50
N PRO A 284 20.11 -0.91 -20.82
CA PRO A 284 19.89 0.39 -21.49
C PRO A 284 18.48 0.91 -21.21
N THR A 285 18.36 2.22 -21.15
CA THR A 285 17.12 2.88 -20.76
C THR A 285 16.82 4.04 -21.71
N SER A 286 15.55 4.47 -21.69
CA SER A 286 15.06 5.51 -22.58
C SER A 286 14.88 6.86 -21.90
N GLY A 287 14.82 6.88 -20.58
CA GLY A 287 14.65 8.12 -19.87
C GLY A 287 14.09 7.83 -18.49
N ASP A 288 13.60 8.89 -17.84
CA ASP A 288 13.04 8.78 -16.50
C ASP A 288 11.78 7.92 -16.51
N GLY A 289 11.54 7.26 -15.38
CA GLY A 289 10.27 6.62 -15.12
C GLY A 289 9.21 7.67 -14.85
N PRO A 290 7.94 7.25 -14.79
CA PRO A 290 6.85 8.23 -14.62
C PRO A 290 6.87 8.86 -13.24
N ALA A 291 6.45 10.12 -13.19
CA ALA A 291 6.35 10.81 -11.91
C ALA A 291 5.47 10.02 -10.95
N GLY A 292 5.85 10.02 -9.68
CA GLY A 292 5.03 9.47 -8.62
C GLY A 292 3.82 10.34 -8.33
N PRO A 293 2.78 9.75 -7.73
CA PRO A 293 1.53 10.49 -7.52
C PRO A 293 1.63 11.57 -6.46
N TYR A 294 2.64 11.51 -5.59
CA TYR A 294 2.82 12.48 -4.51
C TYR A 294 3.99 13.41 -4.75
N THR A 295 5.13 12.88 -5.18
CA THR A 295 6.31 13.72 -5.42
C THR A 295 6.27 14.40 -6.78
N ARG A 296 5.59 13.80 -7.77
CA ARG A 296 5.22 14.47 -9.01
C ARG A 296 6.44 15.06 -9.72
N GLN A 297 7.53 14.30 -9.74
CA GLN A 297 8.74 14.68 -10.48
C GLN A 297 9.31 13.42 -11.14
N ALA A 298 9.25 13.38 -12.46
CA ALA A 298 9.74 12.20 -13.17
C ALA A 298 11.20 11.97 -12.82
N GLY A 299 11.55 10.72 -12.61
CA GLY A 299 12.92 10.32 -12.34
C GLY A 299 13.15 9.82 -10.93
N PHE A 300 12.26 10.11 -9.99
CA PHE A 300 12.43 9.58 -8.66
C PHE A 300 11.08 9.31 -8.02
N TRP A 301 11.12 8.45 -7.01
CA TRP A 301 9.99 8.15 -6.16
C TRP A 301 10.45 8.19 -4.71
N ALA A 302 9.59 8.71 -3.83
CA ALA A 302 9.81 8.61 -2.38
C ALA A 302 9.71 7.15 -1.95
N TYR A 303 10.26 6.85 -0.77
CA TYR A 303 10.20 5.48 -0.29
C TYR A 303 8.76 5.00 -0.14
N TYR A 304 7.85 5.86 0.35
CA TYR A 304 6.47 5.42 0.50
C TYR A 304 5.83 5.14 -0.87
N GLU A 305 6.20 5.89 -1.91
CA GLU A 305 5.73 5.58 -3.26
C GLU A 305 6.33 4.26 -3.76
N ILE A 306 7.60 4.02 -3.44
CA ILE A 306 8.23 2.75 -3.82
C ILE A 306 7.47 1.57 -3.26
N CYS A 307 7.02 1.67 -2.00
CA CYS A 307 6.29 0.57 -1.38
C CYS A 307 5.05 0.24 -2.17
N THR A 308 4.33 1.26 -2.65
CA THR A 308 3.17 1.02 -3.50
C THR A 308 3.58 0.30 -4.77
N PHE A 309 4.67 0.75 -5.40
CA PHE A 309 5.20 0.07 -6.58
C PHE A 309 5.50 -1.39 -6.31
N LEU A 310 6.09 -1.70 -5.17
CA LEU A 310 6.44 -3.09 -4.85
C LEU A 310 5.21 -3.95 -4.63
N ARG A 311 4.08 -3.35 -4.30
CA ARG A 311 2.83 -4.08 -4.16
C ARG A 311 2.03 -4.13 -5.45
N SER A 312 2.53 -3.54 -6.53
CA SER A 312 1.79 -3.45 -7.78
C SER A 312 2.21 -4.50 -8.80
N GLY A 313 2.97 -5.51 -8.38
CA GLY A 313 3.42 -6.56 -9.26
C GLY A 313 4.89 -6.53 -9.60
N ALA A 314 5.68 -5.69 -8.93
CA ALA A 314 7.09 -5.56 -9.26
C ALA A 314 7.88 -6.77 -8.80
N THR A 315 9.00 -7.00 -9.47
CA THR A 315 9.97 -8.02 -9.08
C THR A 315 11.11 -7.35 -8.33
N GLU A 316 11.45 -7.87 -7.17
CA GLU A 316 12.52 -7.33 -6.33
C GLU A 316 13.78 -8.17 -6.50
N VAL A 317 14.92 -7.51 -6.63
CA VAL A 317 16.21 -8.18 -6.77
C VAL A 317 17.17 -7.52 -5.79
N TRP A 318 17.96 -8.34 -5.09
CA TRP A 318 19.03 -7.84 -4.24
C TRP A 318 20.32 -7.79 -5.05
N ASP A 319 20.89 -6.59 -5.19
CA ASP A 319 22.16 -6.35 -5.87
C ASP A 319 23.23 -6.70 -4.84
N ALA A 320 23.70 -7.96 -4.89
CA ALA A 320 24.50 -8.48 -3.79
C ALA A 320 25.86 -7.81 -3.69
N SER A 321 26.47 -7.52 -4.83
CA SER A 321 27.80 -6.92 -4.82
C SER A 321 27.77 -5.52 -4.24
N GLN A 322 26.67 -4.80 -4.41
CA GLN A 322 26.57 -3.42 -3.97
C GLN A 322 25.72 -3.21 -2.73
N GLU A 323 25.02 -4.25 -2.27
CA GLU A 323 24.32 -4.22 -0.99
C GLU A 323 23.11 -3.28 -1.03
N VAL A 324 22.43 -3.21 -2.16
CA VAL A 324 21.23 -2.40 -2.32
C VAL A 324 20.22 -3.16 -3.18
N PRO A 325 18.95 -2.83 -3.05
CA PRO A 325 17.91 -3.49 -3.83
C PRO A 325 17.66 -2.75 -5.15
N TYR A 326 17.13 -3.50 -6.11
CA TYR A 326 16.43 -2.86 -7.22
C TYR A 326 15.15 -3.64 -7.49
N ALA A 327 14.30 -3.05 -8.32
CA ALA A 327 13.02 -3.70 -8.64
C ALA A 327 12.60 -3.24 -10.03
N TYR A 328 11.76 -4.05 -10.66
CA TYR A 328 11.28 -3.69 -11.98
C TYR A 328 9.90 -4.29 -12.21
N LYS A 329 9.17 -3.65 -13.12
CA LYS A 329 7.85 -4.15 -13.54
C LYS A 329 7.70 -3.74 -14.99
N ALA A 330 7.66 -4.72 -15.90
CA ALA A 330 7.57 -4.43 -17.31
C ALA A 330 8.72 -3.52 -17.73
N ASN A 331 8.41 -2.33 -18.22
CA ASN A 331 9.42 -1.41 -18.71
C ASN A 331 9.89 -0.39 -17.67
N GLU A 332 9.49 -0.52 -16.41
CA GLU A 332 9.90 0.40 -15.36
C GLU A 332 10.92 -0.27 -14.45
N TRP A 333 12.00 0.45 -14.14
CA TRP A 333 13.12 -0.05 -13.36
C TRP A 333 13.44 0.95 -12.26
N LEU A 334 13.73 0.44 -11.06
CA LEU A 334 13.96 1.28 -9.89
C LEU A 334 15.21 0.83 -9.15
N GLY A 335 16.13 1.79 -8.91
CA GLY A 335 17.25 1.60 -7.99
C GLY A 335 16.98 2.39 -6.74
N TYR A 336 17.09 1.73 -5.58
CA TYR A 336 16.60 2.37 -4.37
C TYR A 336 17.29 1.79 -3.14
N ASP A 337 16.79 2.19 -1.97
CA ASP A 337 17.27 1.73 -0.68
C ASP A 337 16.09 1.27 0.18
N ASN A 338 16.35 0.24 0.99
CA ASN A 338 15.35 -0.26 1.91
C ASN A 338 15.94 -0.48 3.30
N ILE A 339 15.18 -1.11 4.20
CA ILE A 339 15.67 -1.27 5.57
C ILE A 339 16.97 -2.06 5.57
N LYS A 340 17.06 -3.11 4.74
CA LYS A 340 18.25 -3.93 4.74
C LYS A 340 19.48 -3.15 4.27
N SER A 341 19.33 -2.35 3.21
CA SER A 341 20.50 -1.61 2.72
C SER A 341 20.88 -0.52 3.71
N PHE A 342 19.90 0.16 4.32
CA PHE A 342 20.23 1.15 5.34
C PHE A 342 20.99 0.51 6.50
N SER A 343 20.57 -0.70 6.89
CA SER A 343 21.23 -1.40 7.99
C SER A 343 22.67 -1.75 7.65
N VAL A 344 22.88 -2.31 6.45
CA VAL A 344 24.23 -2.68 6.04
C VAL A 344 25.13 -1.45 6.00
N LYS A 345 24.63 -0.35 5.45
CA LYS A 345 25.46 0.85 5.34
C LYS A 345 25.66 1.53 6.69
N ALA A 346 24.68 1.45 7.60
CA ALA A 346 24.91 1.99 8.95
C ALA A 346 26.01 1.19 9.67
N GLN A 347 25.98 -0.13 9.56
CA GLN A 347 27.04 -0.94 10.13
C GLN A 347 28.39 -0.52 9.56
N TRP A 348 28.44 -0.31 8.25
CA TRP A 348 29.69 0.04 7.57
C TRP A 348 30.23 1.37 8.05
N LEU A 349 29.39 2.40 8.11
CA LEU A 349 29.89 3.70 8.53
C LEU A 349 30.43 3.66 9.95
N LYS A 350 29.82 2.88 10.84
CA LYS A 350 30.33 2.77 12.20
C LYS A 350 31.68 2.08 12.23
N GLN A 351 31.84 1.00 11.45
CA GLN A 351 33.12 0.30 11.41
C GLN A 351 34.22 1.18 10.86
N ASN A 352 33.89 2.13 10.00
CA ASN A 352 34.84 3.04 9.42
C ASN A 352 34.98 4.34 10.20
N ASN A 353 34.35 4.44 11.36
CA ASN A 353 34.54 5.53 12.31
C ASN A 353 34.08 6.87 11.77
N PHE A 354 33.11 6.89 10.87
CA PHE A 354 32.55 8.15 10.41
C PHE A 354 31.65 8.75 11.48
N GLY A 355 31.30 10.02 11.28
CA GLY A 355 30.57 10.77 12.29
C GLY A 355 29.11 10.45 12.40
N GLY A 356 28.55 9.77 11.40
CA GLY A 356 27.15 9.47 11.41
C GLY A 356 26.60 9.49 10.00
N ALA A 357 25.29 9.70 9.93
CA ALA A 357 24.54 9.63 8.69
C ALA A 357 23.67 10.87 8.56
N MET A 358 23.42 11.26 7.32
CA MET A 358 22.41 12.27 7.02
C MET A 358 21.42 11.67 6.04
N ILE A 359 20.17 12.11 6.17
CA ILE A 359 19.06 11.58 5.39
C ILE A 359 18.52 12.67 4.48
N TRP A 360 18.46 12.36 3.17
CA TRP A 360 17.68 13.16 2.24
C TRP A 360 16.51 12.30 1.75
N ALA A 361 15.31 12.59 2.25
CA ALA A 361 14.87 13.62 3.17
C ALA A 361 13.78 12.99 4.01
N ILE A 362 13.59 13.47 5.23
CA ILE A 362 12.69 12.79 6.15
C ILE A 362 11.25 12.79 5.66
N ASP A 363 10.88 13.75 4.81
CA ASP A 363 9.53 13.80 4.25
C ASP A 363 9.32 12.78 3.14
N LEU A 364 10.36 12.05 2.75
CA LEU A 364 10.25 10.99 1.76
C LEU A 364 10.13 9.60 2.40
N ASP A 365 10.36 9.48 3.71
CA ASP A 365 10.12 8.26 4.46
C ASP A 365 8.61 7.98 4.53
N ASP A 366 8.25 6.76 4.95
CA ASP A 366 6.83 6.46 5.17
C ASP A 366 6.45 7.01 6.55
N PHE A 367 6.31 8.34 6.60
CA PHE A 367 6.10 9.02 7.87
C PHE A 367 4.73 8.73 8.46
N THR A 368 3.73 8.43 7.62
CA THR A 368 2.42 8.05 8.15
C THR A 368 2.36 6.58 8.54
N GLY A 369 3.28 5.76 8.04
CA GLY A 369 3.22 4.32 8.18
C GLY A 369 2.16 3.63 7.34
N SER A 370 1.46 4.34 6.46
N SER A 370 1.47 4.35 6.46
CA SER A 370 0.31 3.76 5.77
CA SER A 370 0.32 3.83 5.74
C SER A 370 0.63 3.22 4.38
C SER A 370 0.67 3.11 4.45
N PHE A 371 1.88 3.29 3.93
CA PHE A 371 2.26 2.76 2.63
C PHE A 371 3.08 1.47 2.67
N CYS A 372 3.89 1.27 3.71
CA CYS A 372 4.90 0.22 3.70
C CYS A 372 4.65 -0.89 4.71
N ASP A 373 3.74 -0.70 5.67
CA ASP A 373 3.47 -1.68 6.72
C ASP A 373 4.76 -2.02 7.48
N GLN A 374 5.59 -1.00 7.71
CA GLN A 374 6.83 -1.12 8.45
C GLN A 374 6.88 -0.14 9.62
N GLY A 375 5.73 0.37 10.02
CA GLY A 375 5.67 1.36 11.09
C GLY A 375 5.94 2.76 10.57
N LYS A 376 5.86 3.73 11.48
CA LYS A 376 6.12 5.11 11.10
C LYS A 376 7.62 5.32 10.93
N PHE A 377 8.00 6.07 9.89
CA PHE A 377 9.40 6.41 9.64
C PHE A 377 10.29 5.18 9.61
N PRO A 378 9.98 4.18 8.78
CA PRO A 378 10.77 2.95 8.80
C PRO A 378 12.24 3.14 8.48
N LEU A 379 12.57 3.91 7.45
CA LEU A 379 13.99 4.06 7.11
C LEU A 379 14.74 4.90 8.15
N THR A 380 14.13 6.00 8.60
CA THR A 380 14.78 6.84 9.60
C THR A 380 14.89 6.12 10.94
N SER A 381 13.85 5.36 11.33
CA SER A 381 13.92 4.57 12.55
C SER A 381 15.03 3.52 12.49
N THR A 382 15.23 2.92 11.31
CA THR A 382 16.31 1.95 11.15
C THR A 382 17.65 2.56 11.51
N LEU A 383 17.91 3.78 11.05
CA LEU A 383 19.19 4.42 11.35
C LEU A 383 19.25 4.89 12.80
N ASN A 384 18.13 5.37 13.34
CA ASN A 384 18.10 5.72 14.76
C ASN A 384 18.52 4.53 15.63
N LYS A 385 17.99 3.34 15.34
CA LYS A 385 18.36 2.18 16.13
C LYS A 385 19.79 1.74 15.84
N ALA A 386 20.18 1.71 14.56
CA ALA A 386 21.49 1.20 14.19
C ALA A 386 22.62 2.07 14.72
N LEU A 387 22.40 3.38 14.81
CA LEU A 387 23.42 4.28 15.31
C LEU A 387 23.31 4.55 16.81
N GLY A 388 22.40 3.87 17.50
CA GLY A 388 22.30 4.02 18.93
C GLY A 388 21.88 5.40 19.39
N ILE A 389 21.04 6.07 18.61
CA ILE A 389 20.54 7.37 19.00
C ILE A 389 19.62 7.21 20.20
N SER A 390 19.89 7.94 21.28
CA SER A 390 19.10 7.79 22.49
C SER A 390 19.33 8.97 23.41
N THR A 391 18.24 9.48 23.98
CA THR A 391 18.29 10.59 24.90
C THR A 391 17.50 10.34 26.18
N HIS A 392 16.80 9.22 26.29
CA HIS A 392 15.93 8.92 27.43
C HIS A 392 16.54 7.75 28.20
N HIS A 393 17.17 8.07 29.34
CA HIS A 393 17.83 7.08 30.18
C HIS A 393 17.06 6.95 31.49
N HIS A 394 16.70 5.72 31.84
CA HIS A 394 15.80 5.48 32.96
C HIS A 394 16.50 5.10 34.27
N HIS A 395 17.75 4.65 34.22
CA HIS A 395 18.51 4.33 35.43
C HIS A 395 17.92 3.13 36.18
N HIS A 396 17.27 2.24 35.43
CA HIS A 396 16.79 0.97 35.95
C HIS A 396 16.48 0.08 34.75
N HIS A 397 16.48 -1.22 34.99
CA HIS A 397 16.20 -2.19 33.94
C HIS A 397 14.81 -1.98 33.34
N TYR B 22 -27.33 -12.43 14.61
CA TYR B 22 -27.03 -12.44 13.18
C TYR B 22 -25.95 -13.45 12.84
N ASN B 23 -25.98 -13.90 11.58
CA ASN B 23 -24.95 -14.77 11.03
C ASN B 23 -24.00 -13.96 10.15
N LEU B 24 -22.74 -14.39 10.12
CA LEU B 24 -21.74 -13.85 9.20
C LEU B 24 -21.10 -15.04 8.52
N ILE B 25 -21.45 -15.25 7.25
CA ILE B 25 -21.07 -16.42 6.46
C ILE B 25 -19.94 -16.01 5.54
N CYS B 26 -18.80 -16.67 5.62
CA CYS B 26 -17.61 -16.24 4.91
C CYS B 26 -17.15 -17.31 3.93
N TYR B 27 -17.13 -16.97 2.64
CA TYR B 27 -16.62 -17.88 1.62
C TYR B 27 -15.11 -17.84 1.52
N PHE B 28 -14.50 -19.02 1.38
CA PHE B 28 -13.08 -19.25 1.14
C PHE B 28 -12.95 -19.97 -0.20
N THR B 29 -11.98 -19.57 -1.04
CA THR B 29 -11.84 -20.18 -2.35
C THR B 29 -10.55 -20.98 -2.45
N ASN B 30 -10.65 -22.17 -3.04
CA ASN B 30 -9.51 -23.08 -3.09
C ASN B 30 -8.54 -22.82 -4.22
N TRP B 31 -8.70 -21.71 -4.95
CA TRP B 31 -7.70 -21.24 -5.88
C TRP B 31 -6.96 -20.00 -5.40
N ALA B 32 -7.36 -19.38 -4.28
CA ALA B 32 -6.62 -18.26 -3.73
C ALA B 32 -5.18 -18.66 -3.39
N GLN B 33 -4.94 -19.95 -3.13
CA GLN B 33 -3.61 -20.41 -2.78
C GLN B 33 -2.58 -20.14 -3.88
N TYR B 34 -3.03 -20.03 -5.13
CA TYR B 34 -2.13 -19.93 -6.26
C TYR B 34 -1.67 -18.49 -6.52
N ARG B 35 -2.26 -17.52 -5.84
CA ARG B 35 -1.85 -16.13 -6.03
C ARG B 35 -0.41 -15.94 -5.54
N PRO B 36 0.35 -15.08 -6.20
CA PRO B 36 1.76 -14.93 -5.84
C PRO B 36 1.96 -14.20 -4.52
N GLY B 37 3.09 -14.51 -3.88
CA GLY B 37 3.54 -13.74 -2.73
C GLY B 37 2.49 -13.58 -1.66
N LEU B 38 2.27 -12.32 -1.26
CA LEU B 38 1.34 -12.01 -0.18
C LEU B 38 -0.11 -12.32 -0.52
N GLY B 39 -0.42 -12.57 -1.79
CA GLY B 39 -1.79 -12.93 -2.17
C GLY B 39 -2.18 -14.34 -1.82
N SER B 40 -1.22 -15.23 -1.62
CA SER B 40 -1.54 -16.64 -1.43
C SER B 40 -2.31 -16.83 -0.13
N PHE B 41 -3.47 -17.48 -0.20
CA PHE B 41 -4.35 -17.60 0.96
C PHE B 41 -4.82 -19.05 1.09
N LYS B 42 -4.64 -19.62 2.27
CA LYS B 42 -5.08 -20.96 2.64
C LYS B 42 -5.89 -20.91 3.93
N PRO B 43 -6.51 -22.02 4.32
CA PRO B 43 -7.42 -21.95 5.50
C PRO B 43 -6.75 -21.47 6.78
N ASP B 44 -5.47 -21.78 6.99
CA ASP B 44 -4.84 -21.34 8.25
C ASP B 44 -4.64 -19.84 8.32
N ASP B 45 -4.87 -19.12 7.22
CA ASP B 45 -4.88 -17.67 7.23
C ASP B 45 -6.20 -17.09 7.72
N ILE B 46 -7.24 -17.91 7.89
CA ILE B 46 -8.54 -17.44 8.36
C ILE B 46 -8.47 -17.27 9.87
N ASN B 47 -8.90 -16.10 10.37
CA ASN B 47 -9.16 -15.90 11.79
C ASN B 47 -10.43 -16.66 12.15
N PRO B 48 -10.36 -17.71 12.96
CA PRO B 48 -11.55 -18.55 13.16
C PRO B 48 -12.68 -17.83 13.91
N CYS B 49 -12.40 -16.71 14.55
CA CYS B 49 -13.42 -16.04 15.36
C CYS B 49 -14.21 -14.97 14.59
N LEU B 50 -13.85 -14.68 13.33
CA LEU B 50 -14.52 -13.57 12.66
C LEU B 50 -15.93 -13.91 12.19
N CYS B 51 -16.16 -15.13 11.71
CA CYS B 51 -17.39 -15.53 11.07
C CYS B 51 -18.14 -16.54 11.94
N THR B 52 -19.44 -16.69 11.66
CA THR B 52 -20.20 -17.77 12.26
C THR B 52 -20.18 -19.04 11.41
N HIS B 53 -20.03 -18.90 10.10
CA HIS B 53 -20.01 -20.01 9.16
C HIS B 53 -18.89 -19.73 8.17
N LEU B 54 -18.15 -20.75 7.81
CA LEU B 54 -17.21 -20.72 6.72
C LEU B 54 -17.70 -21.66 5.62
N ILE B 55 -17.63 -21.22 4.36
CA ILE B 55 -18.07 -22.02 3.23
C ILE B 55 -16.89 -22.18 2.28
N TYR B 56 -16.62 -23.42 1.89
CA TYR B 56 -15.48 -23.81 1.07
C TYR B 56 -15.92 -23.89 -0.38
N ALA B 57 -15.39 -23.00 -1.22
CA ALA B 57 -15.68 -22.97 -2.65
C ALA B 57 -14.46 -23.49 -3.40
N PHE B 58 -14.62 -24.52 -4.25
CA PHE B 58 -15.82 -25.27 -4.61
C PHE B 58 -15.46 -26.75 -4.70
N ALA B 59 -16.45 -27.59 -4.51
CA ALA B 59 -16.43 -28.98 -4.94
C ALA B 59 -17.03 -29.13 -6.33
N GLY B 60 -16.75 -30.27 -6.94
CA GLY B 60 -17.25 -30.58 -8.26
C GLY B 60 -18.14 -31.81 -8.28
N MET B 61 -18.32 -32.41 -9.45
CA MET B 61 -19.21 -33.55 -9.60
C MET B 61 -18.64 -34.47 -10.67
N GLN B 62 -18.73 -35.78 -10.42
CA GLN B 62 -18.36 -36.80 -11.38
C GLN B 62 -19.35 -37.94 -11.29
N ASN B 63 -20.01 -38.27 -12.40
CA ASN B 63 -20.99 -39.36 -12.41
C ASN B 63 -22.05 -39.19 -11.31
N ASN B 64 -22.53 -37.96 -11.17
CA ASN B 64 -23.59 -37.59 -10.23
C ASN B 64 -23.18 -37.72 -8.78
N GLU B 65 -21.88 -37.67 -8.49
CA GLU B 65 -21.37 -37.73 -7.12
C GLU B 65 -20.45 -36.54 -6.87
N ILE B 66 -20.49 -36.02 -5.65
CA ILE B 66 -19.64 -34.87 -5.31
C ILE B 66 -18.17 -35.31 -5.26
N THR B 67 -17.28 -34.41 -5.67
CA THR B 67 -15.86 -34.74 -5.73
C THR B 67 -15.03 -33.51 -5.40
N THR B 68 -13.75 -33.75 -5.15
CA THR B 68 -12.77 -32.68 -5.05
C THR B 68 -12.48 -32.11 -6.46
N ILE B 69 -11.78 -30.98 -6.48
CA ILE B 69 -11.35 -30.39 -7.74
C ILE B 69 -9.85 -30.16 -7.76
N GLU B 70 -9.32 -29.61 -6.68
CA GLU B 70 -7.90 -29.26 -6.62
C GLU B 70 -7.08 -30.42 -6.06
N TRP B 71 -5.84 -30.51 -6.55
CA TRP B 71 -4.93 -31.60 -6.18
C TRP B 71 -4.79 -31.73 -4.67
N ASN B 72 -4.88 -30.62 -3.93
CA ASN B 72 -4.68 -30.64 -2.48
C ASN B 72 -5.94 -30.32 -1.68
N ASP B 73 -7.12 -30.53 -2.25
CA ASP B 73 -8.36 -30.25 -1.53
C ASP B 73 -8.45 -31.03 -0.22
N VAL B 74 -7.95 -32.28 -0.18
CA VAL B 74 -8.05 -33.05 1.06
C VAL B 74 -7.26 -32.37 2.17
N THR B 75 -6.08 -31.86 1.85
CA THR B 75 -5.27 -31.11 2.80
C THR B 75 -5.98 -29.86 3.28
N LEU B 76 -6.55 -29.11 2.34
CA LEU B 76 -7.21 -27.86 2.70
C LEU B 76 -8.52 -28.10 3.42
N TYR B 77 -9.25 -29.18 3.07
CA TYR B 77 -10.43 -29.53 3.85
C TYR B 77 -10.10 -29.70 5.32
N LYS B 78 -9.02 -30.44 5.61
CA LYS B 78 -8.67 -30.71 6.99
C LYS B 78 -8.24 -29.44 7.71
N ALA B 79 -7.46 -28.59 7.05
CA ALA B 79 -7.08 -27.32 7.65
C ALA B 79 -8.31 -26.43 7.87
N PHE B 80 -9.25 -26.47 6.93
CA PHE B 80 -10.49 -25.68 7.04
C PHE B 80 -11.33 -26.13 8.24
N ASN B 81 -11.61 -27.43 8.34
CA ASN B 81 -12.50 -27.89 9.40
C ASN B 81 -11.77 -27.97 10.71
N ASP B 82 -10.44 -27.99 10.68
CA ASP B 82 -9.68 -27.88 11.93
C ASP B 82 -9.86 -26.52 12.59
N LEU B 83 -10.33 -25.50 11.84
CA LEU B 83 -10.58 -24.19 12.43
C LEU B 83 -11.66 -24.26 13.51
N LYS B 84 -12.55 -25.25 13.44
CA LYS B 84 -13.57 -25.44 14.47
C LYS B 84 -12.95 -25.86 15.81
N ASN B 85 -11.71 -26.33 15.80
CA ASN B 85 -11.03 -26.63 17.06
C ASN B 85 -10.66 -25.36 17.82
N ARG B 86 -10.66 -24.22 17.15
CA ARG B 86 -10.36 -22.93 17.75
C ARG B 86 -11.59 -22.07 17.98
N ASN B 87 -12.74 -22.45 17.41
CA ASN B 87 -13.99 -21.75 17.62
C ASN B 87 -15.10 -22.79 17.68
N SER B 88 -15.56 -23.10 18.89
CA SER B 88 -16.52 -24.17 19.11
C SER B 88 -17.92 -23.84 18.62
N LYS B 89 -18.17 -22.61 18.20
CA LYS B 89 -19.46 -22.23 17.62
C LYS B 89 -19.46 -22.26 16.11
N LEU B 90 -18.28 -22.29 15.49
CA LEU B 90 -18.16 -22.23 14.04
C LEU B 90 -18.74 -23.47 13.39
N LYS B 91 -19.48 -23.26 12.30
CA LYS B 91 -19.93 -24.32 11.42
C LYS B 91 -19.29 -24.10 10.05
N THR B 92 -19.07 -25.19 9.32
CA THR B 92 -18.49 -25.13 8.00
C THR B 92 -19.40 -25.81 6.99
N LEU B 93 -19.39 -25.30 5.77
CA LEU B 93 -20.13 -25.89 4.68
C LEU B 93 -19.20 -26.02 3.48
N LEU B 94 -19.52 -26.97 2.62
CA LEU B 94 -18.87 -27.15 1.33
C LEU B 94 -19.82 -26.70 0.24
N ALA B 95 -19.34 -25.78 -0.61
CA ALA B 95 -20.13 -25.30 -1.75
C ALA B 95 -19.80 -26.11 -2.99
N ILE B 96 -20.84 -26.48 -3.74
CA ILE B 96 -20.67 -27.19 -5.01
C ILE B 96 -21.19 -26.30 -6.13
N GLY B 97 -20.43 -26.26 -7.23
CA GLY B 97 -20.83 -25.50 -8.39
C GLY B 97 -19.97 -24.28 -8.61
N GLY B 98 -20.61 -23.11 -8.64
CA GLY B 98 -19.93 -21.87 -8.97
C GLY B 98 -20.13 -21.49 -10.42
N TRP B 99 -19.65 -20.30 -10.77
CA TRP B 99 -19.86 -19.79 -12.11
C TRP B 99 -19.24 -20.69 -13.17
N ASN B 100 -17.96 -21.00 -13.02
CA ASN B 100 -17.24 -21.74 -14.06
C ASN B 100 -17.79 -23.15 -14.23
N PHE B 101 -18.32 -23.72 -13.15
CA PHE B 101 -18.87 -25.06 -13.20
C PHE B 101 -20.02 -25.18 -14.20
N GLY B 102 -20.80 -24.12 -14.36
CA GLY B 102 -21.90 -24.14 -15.30
C GLY B 102 -23.08 -24.96 -14.81
N THR B 103 -23.92 -25.38 -15.77
CA THR B 103 -25.19 -26.00 -15.43
C THR B 103 -25.32 -27.46 -15.84
N ALA B 104 -24.58 -27.93 -16.84
CA ALA B 104 -24.89 -29.24 -17.40
C ALA B 104 -24.84 -30.36 -16.36
N PRO B 105 -23.86 -30.43 -15.46
CA PRO B 105 -23.86 -31.52 -14.47
C PRO B 105 -25.04 -31.45 -13.51
N PHE B 106 -25.50 -30.25 -13.14
CA PHE B 106 -26.68 -30.15 -12.30
C PHE B 106 -27.93 -30.62 -13.04
N THR B 107 -28.10 -30.20 -14.30
CA THR B 107 -29.24 -30.62 -15.10
C THR B 107 -29.33 -32.13 -15.19
N THR B 108 -28.21 -32.79 -15.44
CA THR B 108 -28.21 -34.25 -15.50
C THR B 108 -28.54 -34.86 -14.14
N MET B 109 -27.94 -34.33 -13.07
CA MET B 109 -28.09 -34.95 -11.76
C MET B 109 -29.53 -34.83 -11.25
N VAL B 110 -30.22 -33.69 -11.53
CA VAL B 110 -31.57 -33.56 -11.00
C VAL B 110 -32.61 -34.20 -11.91
N SER B 111 -32.23 -34.64 -13.11
CA SER B 111 -33.19 -35.07 -14.12
C SER B 111 -33.97 -36.32 -13.72
N THR B 112 -33.46 -37.14 -12.81
CA THR B 112 -34.13 -38.35 -12.40
C THR B 112 -33.96 -38.54 -10.90
N SER B 113 -34.95 -39.21 -10.29
N SER B 113 -34.93 -39.21 -10.28
CA SER B 113 -34.84 -39.54 -8.88
CA SER B 113 -34.81 -39.51 -8.86
C SER B 113 -33.62 -40.41 -8.59
C SER B 113 -33.60 -40.40 -8.59
N GLN B 114 -33.26 -41.27 -9.54
CA GLN B 114 -32.10 -42.13 -9.36
C GLN B 114 -30.81 -41.31 -9.26
N ASN B 115 -30.64 -40.34 -10.16
CA ASN B 115 -29.43 -39.53 -10.13
C ASN B 115 -29.40 -38.64 -8.89
N ARG B 116 -30.56 -38.12 -8.47
CA ARG B 116 -30.59 -37.28 -7.25
C ARG B 116 -30.22 -38.11 -6.02
N GLN B 117 -30.70 -39.35 -5.95
CA GLN B 117 -30.35 -40.20 -4.81
C GLN B 117 -28.87 -40.52 -4.79
N THR B 118 -28.29 -40.83 -5.95
CA THR B 118 -26.85 -41.04 -6.06
C THR B 118 -26.10 -39.84 -5.49
N PHE B 119 -26.52 -38.64 -5.87
CA PHE B 119 -25.83 -37.43 -5.44
C PHE B 119 -26.00 -37.19 -3.95
N ILE B 120 -27.24 -37.22 -3.46
CA ILE B 120 -27.48 -36.96 -2.03
C ILE B 120 -26.72 -37.96 -1.19
N THR B 121 -26.73 -39.23 -1.59
CA THR B 121 -25.98 -40.23 -0.84
C THR B 121 -24.49 -39.90 -0.81
N SER B 122 -23.94 -39.47 -1.96
CA SER B 122 -22.53 -39.13 -2.02
C SER B 122 -22.23 -37.91 -1.17
N VAL B 123 -23.18 -36.96 -1.08
CA VAL B 123 -22.95 -35.74 -0.31
C VAL B 123 -22.88 -36.06 1.18
N ILE B 124 -23.82 -36.87 1.65
CA ILE B 124 -23.80 -37.25 3.06
C ILE B 124 -22.45 -37.87 3.42
N LYS B 125 -21.99 -38.82 2.61
CA LYS B 125 -20.75 -39.54 2.93
C LYS B 125 -19.56 -38.58 2.88
N PHE B 126 -19.53 -37.72 1.87
CA PHE B 126 -18.40 -36.80 1.67
C PHE B 126 -18.32 -35.77 2.79
N LEU B 127 -19.45 -35.12 3.10
CA LEU B 127 -19.45 -34.10 4.15
C LEU B 127 -19.03 -34.70 5.48
N ARG B 128 -19.58 -35.87 5.83
CA ARG B 128 -19.22 -36.48 7.10
C ARG B 128 -17.75 -36.90 7.11
N GLN B 129 -17.27 -37.48 6.01
CA GLN B 129 -15.89 -37.96 6.01
C GLN B 129 -14.91 -36.82 6.23
N TYR B 130 -15.15 -35.68 5.58
CA TYR B 130 -14.16 -34.62 5.57
C TYR B 130 -14.44 -33.51 6.58
N GLY B 131 -15.52 -33.62 7.34
CA GLY B 131 -15.71 -32.76 8.50
C GLY B 131 -16.56 -31.52 8.28
N PHE B 132 -17.40 -31.50 7.25
CA PHE B 132 -18.27 -30.37 6.99
C PHE B 132 -19.63 -30.54 7.66
N ASP B 133 -20.22 -29.42 8.03
CA ASP B 133 -21.52 -29.38 8.67
C ASP B 133 -22.69 -29.18 7.71
N GLY B 134 -22.42 -29.04 6.41
CA GLY B 134 -23.53 -28.87 5.48
C GLY B 134 -23.02 -28.62 4.07
N LEU B 135 -23.99 -28.57 3.15
CA LEU B 135 -23.76 -28.33 1.73
C LEU B 135 -24.39 -27.01 1.32
N ASP B 136 -23.61 -26.17 0.64
CA ASP B 136 -24.08 -24.96 0.00
C ASP B 136 -24.21 -25.24 -1.50
N LEU B 137 -25.44 -25.20 -2.00
CA LEU B 137 -25.67 -25.40 -3.41
C LEU B 137 -25.44 -24.08 -4.12
N ASP B 138 -24.50 -24.07 -5.08
N ASP B 138 -24.51 -24.06 -5.08
CA ASP B 138 -24.19 -22.87 -5.85
CA ASP B 138 -24.22 -22.85 -5.84
C ASP B 138 -24.37 -23.12 -7.34
C ASP B 138 -24.39 -23.12 -7.33
N TRP B 139 -25.56 -23.56 -7.73
CA TRP B 139 -25.88 -23.77 -9.14
C TRP B 139 -26.20 -22.43 -9.79
N GLU B 140 -25.42 -22.07 -10.80
CA GLU B 140 -25.58 -20.79 -11.48
C GLU B 140 -25.91 -21.04 -12.96
N TYR B 141 -27.21 -21.12 -13.28
CA TYR B 141 -28.39 -21.07 -12.41
C TYR B 141 -29.41 -22.08 -12.96
N PRO B 142 -30.29 -22.59 -12.10
CA PRO B 142 -31.41 -23.38 -12.63
C PRO B 142 -32.19 -22.54 -13.63
N GLY B 143 -32.51 -23.15 -14.76
CA GLY B 143 -33.31 -22.46 -15.76
C GLY B 143 -32.59 -21.40 -16.58
N SER B 144 -31.30 -21.20 -16.38
CA SER B 144 -30.52 -20.25 -17.18
C SER B 144 -29.19 -20.87 -17.55
N ARG B 145 -28.41 -20.15 -18.35
CA ARG B 145 -27.07 -20.58 -18.77
C ARG B 145 -27.07 -22.02 -19.27
N GLY B 146 -28.04 -22.35 -20.10
CA GLY B 146 -28.13 -23.65 -20.73
C GLY B 146 -29.06 -24.63 -20.04
N SER B 147 -29.44 -24.34 -18.80
CA SER B 147 -30.30 -25.21 -18.03
C SER B 147 -31.75 -25.08 -18.50
N PRO B 148 -32.45 -26.19 -18.73
CA PRO B 148 -33.81 -26.10 -19.32
C PRO B 148 -34.85 -25.69 -18.29
N PRO B 149 -36.07 -25.35 -18.73
CA PRO B 149 -37.05 -24.76 -17.81
C PRO B 149 -37.51 -25.69 -16.71
N GLN B 150 -37.52 -27.01 -16.94
CA GLN B 150 -37.93 -27.93 -15.90
C GLN B 150 -37.02 -27.90 -14.67
N ASP B 151 -35.84 -27.27 -14.77
CA ASP B 151 -34.88 -27.27 -13.67
C ASP B 151 -35.28 -26.33 -12.55
N LYS B 152 -36.13 -25.36 -12.82
CA LYS B 152 -36.68 -24.53 -11.74
C LYS B 152 -37.37 -25.40 -10.69
N HIS B 153 -38.29 -26.26 -11.13
CA HIS B 153 -38.97 -27.12 -10.17
C HIS B 153 -38.09 -28.27 -9.69
N LEU B 154 -37.23 -28.81 -10.56
CA LEU B 154 -36.38 -29.93 -10.13
C LEU B 154 -35.35 -29.51 -9.10
N PHE B 155 -34.93 -28.24 -9.12
CA PHE B 155 -34.08 -27.70 -8.05
C PHE B 155 -34.81 -27.75 -6.70
N THR B 156 -36.10 -27.39 -6.67
CA THR B 156 -36.87 -27.52 -5.45
C THR B 156 -36.90 -28.97 -4.98
N VAL B 157 -37.17 -29.89 -5.91
CA VAL B 157 -37.23 -31.31 -5.58
C VAL B 157 -35.90 -31.78 -4.98
N LEU B 158 -34.78 -31.34 -5.57
CA LEU B 158 -33.47 -31.73 -5.05
C LEU B 158 -33.28 -31.22 -3.62
N VAL B 159 -33.61 -29.96 -3.38
CA VAL B 159 -33.43 -29.40 -2.04
C VAL B 159 -34.34 -30.12 -1.04
N LYS B 160 -35.59 -30.35 -1.43
CA LYS B 160 -36.52 -31.06 -0.55
C LYS B 160 -35.98 -32.45 -0.20
N GLU B 161 -35.60 -33.21 -1.22
CA GLU B 161 -35.07 -34.55 -0.97
C GLU B 161 -33.79 -34.52 -0.15
N MET B 162 -32.92 -33.54 -0.41
N MET B 162 -32.91 -33.54 -0.42
CA MET B 162 -31.69 -33.44 0.37
CA MET B 162 -31.69 -33.42 0.37
C MET B 162 -31.99 -33.11 1.84
C MET B 162 -32.01 -33.12 1.83
N ARG B 163 -32.89 -32.16 2.07
CA ARG B 163 -33.27 -31.83 3.45
C ARG B 163 -33.83 -33.05 4.15
N GLU B 164 -34.67 -33.82 3.47
CA GLU B 164 -35.26 -34.99 4.11
C GLU B 164 -34.22 -36.06 4.39
N ALA B 165 -33.29 -36.30 3.45
CA ALA B 165 -32.24 -37.28 3.68
C ALA B 165 -31.35 -36.86 4.83
N PHE B 166 -31.06 -35.56 4.95
CA PHE B 166 -30.25 -35.06 6.04
C PHE B 166 -30.96 -35.26 7.38
N GLU B 167 -32.28 -35.06 7.42
CA GLU B 167 -33.01 -35.27 8.65
C GLU B 167 -32.93 -36.73 9.10
N GLN B 168 -33.05 -37.65 8.15
CA GLN B 168 -32.99 -39.07 8.48
C GLN B 168 -31.60 -39.48 8.95
N GLU B 169 -30.55 -38.94 8.31
CA GLU B 169 -29.19 -39.32 8.69
C GLU B 169 -28.83 -38.83 10.08
N ALA B 170 -29.41 -37.69 10.47
CA ALA B 170 -29.22 -37.20 11.84
C ALA B 170 -29.76 -38.19 12.86
N ILE B 171 -30.91 -38.78 12.57
CA ILE B 171 -31.48 -39.80 13.45
C ILE B 171 -30.58 -41.02 13.49
N GLU B 172 -30.20 -41.53 12.32
CA GLU B 172 -29.46 -42.78 12.28
C GLU B 172 -28.09 -42.66 12.96
N SER B 173 -27.46 -41.49 12.85
CA SER B 173 -26.09 -41.31 13.33
C SER B 173 -26.02 -40.60 14.67
N ASN B 174 -27.16 -40.18 15.21
CA ASN B 174 -27.20 -39.48 16.49
C ASN B 174 -26.31 -38.25 16.51
N ARG B 175 -26.38 -37.46 15.44
CA ARG B 175 -25.63 -36.23 15.29
C ARG B 175 -26.59 -35.16 14.79
N PRO B 176 -26.28 -33.89 15.06
CA PRO B 176 -27.06 -32.81 14.44
C PRO B 176 -27.09 -32.94 12.92
N ARG B 177 -28.25 -32.62 12.35
CA ARG B 177 -28.47 -32.68 10.92
C ARG B 177 -27.49 -31.79 10.17
N LEU B 178 -26.97 -32.31 9.06
CA LEU B 178 -26.30 -31.47 8.08
C LEU B 178 -27.22 -30.36 7.59
N MET B 179 -26.63 -29.19 7.33
CA MET B 179 -27.37 -28.05 6.81
C MET B 179 -27.41 -28.12 5.28
N VAL B 180 -28.46 -27.53 4.70
CA VAL B 180 -28.51 -27.31 3.26
C VAL B 180 -28.85 -25.84 3.01
N THR B 181 -27.94 -25.14 2.35
CA THR B 181 -28.09 -23.74 2.01
C THR B 181 -27.91 -23.60 0.51
N ALA B 182 -28.18 -22.40 0.01
CA ALA B 182 -27.98 -22.14 -1.41
C ALA B 182 -27.56 -20.71 -1.64
N ALA B 183 -26.62 -20.52 -2.56
CA ALA B 183 -26.28 -19.22 -3.12
C ALA B 183 -27.19 -19.00 -4.32
N VAL B 184 -27.86 -17.86 -4.37
CA VAL B 184 -28.92 -17.63 -5.33
C VAL B 184 -28.70 -16.31 -6.06
N ALA B 185 -29.26 -16.26 -7.27
CA ALA B 185 -29.03 -15.15 -8.17
C ALA B 185 -29.54 -13.83 -7.59
N GLY B 186 -28.87 -12.74 -7.99
CA GLY B 186 -29.30 -11.41 -7.66
C GLY B 186 -29.98 -10.70 -8.82
N GLY B 187 -29.93 -11.30 -10.02
CA GLY B 187 -30.57 -10.71 -11.18
C GLY B 187 -32.00 -11.21 -11.36
N ILE B 188 -32.90 -10.27 -11.66
CA ILE B 188 -34.33 -10.60 -11.60
C ILE B 188 -34.71 -11.63 -12.65
N SER B 189 -34.21 -11.49 -13.88
CA SER B 189 -34.51 -12.50 -14.89
C SER B 189 -34.08 -13.89 -14.44
N ASN B 190 -32.87 -14.00 -13.88
CA ASN B 190 -32.39 -15.29 -13.39
C ASN B 190 -33.23 -15.78 -12.22
N ILE B 191 -33.63 -14.87 -11.34
CA ILE B 191 -34.46 -15.27 -10.20
C ILE B 191 -35.78 -15.85 -10.69
N GLN B 192 -36.41 -15.18 -11.64
CA GLN B 192 -37.72 -15.63 -12.09
C GLN B 192 -37.62 -16.95 -12.82
N ALA B 193 -36.55 -17.16 -13.57
CA ALA B 193 -36.41 -18.41 -14.32
C ALA B 193 -35.96 -19.57 -13.44
N GLY B 194 -35.40 -19.29 -12.27
CA GLY B 194 -34.68 -20.31 -11.54
C GLY B 194 -35.30 -20.91 -10.30
N TYR B 195 -36.11 -20.15 -9.59
CA TYR B 195 -36.45 -20.52 -8.22
C TYR B 195 -37.94 -20.46 -7.91
N GLU B 196 -38.41 -21.50 -7.23
CA GLU B 196 -39.74 -21.53 -6.60
C GLU B 196 -39.55 -21.05 -5.16
N ILE B 197 -39.62 -19.73 -4.99
CA ILE B 197 -39.13 -19.13 -3.74
C ILE B 197 -39.89 -19.63 -2.52
N PRO B 198 -41.21 -19.62 -2.49
CA PRO B 198 -41.91 -20.10 -1.28
C PRO B 198 -41.56 -21.52 -0.90
N GLU B 199 -41.57 -22.44 -1.86
CA GLU B 199 -41.31 -23.84 -1.59
C GLU B 199 -39.85 -24.04 -1.19
N LEU B 200 -38.92 -23.49 -1.96
CA LEU B 200 -37.52 -23.56 -1.60
C LEU B 200 -37.28 -23.12 -0.16
N SER B 201 -37.90 -22.02 0.24
CA SER B 201 -37.62 -21.42 1.54
C SER B 201 -38.03 -22.31 2.68
N LYS B 202 -38.95 -23.25 2.45
CA LYS B 202 -39.32 -24.17 3.52
C LYS B 202 -38.16 -25.12 3.83
N TYR B 203 -37.34 -25.46 2.85
CA TYR B 203 -36.36 -26.52 3.00
C TYR B 203 -34.93 -26.03 3.18
N LEU B 204 -34.56 -24.90 2.58
CA LEU B 204 -33.24 -24.34 2.81
C LEU B 204 -33.11 -23.80 4.24
N ASP B 205 -31.94 -24.01 4.84
CA ASP B 205 -31.65 -23.37 6.12
C ASP B 205 -31.36 -21.89 5.93
N PHE B 206 -30.57 -21.53 4.93
CA PHE B 206 -30.25 -20.14 4.64
C PHE B 206 -30.20 -19.95 3.14
N ILE B 207 -30.50 -18.72 2.74
CA ILE B 207 -30.54 -18.30 1.36
C ILE B 207 -29.49 -17.21 1.23
N HIS B 208 -28.42 -17.48 0.47
CA HIS B 208 -27.27 -16.57 0.35
C HIS B 208 -27.45 -15.80 -0.95
N VAL B 209 -27.98 -14.57 -0.85
CA VAL B 209 -28.33 -13.80 -2.04
C VAL B 209 -27.09 -13.09 -2.57
N MET B 210 -26.75 -13.37 -3.83
CA MET B 210 -25.57 -12.80 -4.47
C MET B 210 -25.88 -11.38 -4.97
N THR B 211 -25.96 -10.47 -4.00
CA THR B 211 -26.18 -9.04 -4.27
C THR B 211 -24.84 -8.36 -4.60
N TYR B 212 -24.23 -8.82 -5.67
CA TYR B 212 -23.02 -8.25 -6.22
C TYR B 212 -22.95 -8.64 -7.69
N ASP B 213 -21.91 -8.19 -8.37
CA ASP B 213 -21.86 -8.29 -9.83
C ASP B 213 -23.10 -7.69 -10.46
N LEU B 214 -23.67 -6.66 -9.81
CA LEU B 214 -24.86 -6.00 -10.35
C LEU B 214 -24.53 -5.09 -11.53
N HIS B 215 -23.30 -4.59 -11.63
CA HIS B 215 -22.79 -3.90 -12.81
C HIS B 215 -21.37 -4.38 -13.09
N GLY B 216 -20.88 -4.29 -14.36
CA GLY B 216 -19.56 -4.70 -14.82
C GLY B 216 -19.50 -4.42 -16.29
N SER B 217 -18.21 -4.53 -16.66
N SER B 217 -18.21 -4.52 -16.66
CA SER B 217 -17.70 -4.13 -17.96
CA SER B 217 -17.70 -4.15 -17.96
C SER B 217 -18.58 -4.76 -19.00
C SER B 217 -18.57 -4.76 -19.01
N TRP B 218 -19.11 -5.99 -18.78
CA TRP B 218 -20.13 -6.37 -19.78
C TRP B 218 -21.24 -5.41 -20.23
N GLU B 219 -21.61 -4.44 -19.46
CA GLU B 219 -22.67 -3.55 -19.85
C GLU B 219 -22.20 -2.41 -20.75
N GLY B 220 -20.90 -2.18 -20.85
CA GLY B 220 -20.38 -1.14 -21.73
C GLY B 220 -20.38 0.26 -21.15
N TYR B 221 -20.70 0.39 -19.87
CA TYR B 221 -20.57 1.66 -19.16
C TYR B 221 -20.30 1.37 -17.69
N THR B 222 -19.78 2.38 -17.00
CA THR B 222 -19.40 2.22 -15.61
C THR B 222 -20.65 2.05 -14.73
N GLY B 223 -20.46 1.30 -13.64
CA GLY B 223 -21.50 1.10 -12.65
C GLY B 223 -20.94 0.40 -11.44
N GLU B 224 -21.71 0.45 -10.34
CA GLU B 224 -21.27 -0.06 -9.07
C GLU B 224 -21.52 -1.58 -8.95
N ASN B 225 -20.63 -2.23 -8.21
CA ASN B 225 -20.72 -3.67 -8.03
C ASN B 225 -21.90 -4.05 -7.15
N SER B 226 -22.09 -3.32 -6.06
CA SER B 226 -23.07 -3.67 -5.06
C SER B 226 -23.68 -2.39 -4.51
N PRO B 227 -24.29 -1.55 -5.35
CA PRO B 227 -24.93 -0.35 -4.83
C PRO B 227 -26.13 -0.69 -3.95
N LEU B 228 -26.30 0.07 -2.87
CA LEU B 228 -27.43 -0.23 -1.99
C LEU B 228 -28.75 0.22 -2.61
N TYR B 229 -28.77 1.37 -3.28
CA TYR B 229 -29.98 1.94 -3.83
C TYR B 229 -29.78 2.19 -5.32
N LYS B 230 -30.88 2.47 -6.04
CA LYS B 230 -30.78 2.81 -7.45
C LYS B 230 -30.13 4.18 -7.64
N TYR B 231 -29.46 4.35 -8.78
CA TYR B 231 -28.93 5.65 -9.19
C TYR B 231 -30.08 6.50 -9.74
N PRO B 232 -30.04 7.82 -9.54
CA PRO B 232 -31.25 8.63 -9.85
C PRO B 232 -31.69 8.58 -11.31
N THR B 233 -30.79 8.33 -12.25
CA THR B 233 -31.14 8.28 -13.66
C THR B 233 -31.53 6.90 -14.14
N GLU B 234 -31.47 5.89 -13.28
CA GLU B 234 -31.72 4.53 -13.74
C GLU B 234 -33.22 4.31 -13.87
N THR B 235 -33.63 3.71 -15.00
CA THR B 235 -35.04 3.45 -15.28
C THR B 235 -35.19 2.03 -15.82
N GLY B 236 -36.44 1.57 -15.83
CA GLY B 236 -36.73 0.27 -16.37
C GLY B 236 -36.05 -0.80 -15.55
N SER B 237 -35.59 -1.83 -16.24
CA SER B 237 -34.93 -2.95 -15.57
C SER B 237 -33.63 -2.53 -14.90
N ASN B 238 -33.02 -1.41 -15.31
CA ASN B 238 -31.80 -0.98 -14.63
C ASN B 238 -32.05 -0.58 -13.18
N ALA B 239 -33.31 -0.25 -12.84
CA ALA B 239 -33.64 0.13 -11.48
C ALA B 239 -33.73 -1.07 -10.54
N TYR B 240 -33.57 -2.28 -11.07
CA TYR B 240 -33.54 -3.48 -10.23
C TYR B 240 -32.16 -3.77 -9.68
N LEU B 241 -31.13 -3.09 -10.21
CA LEU B 241 -29.74 -3.48 -9.98
C LEU B 241 -29.16 -2.84 -8.72
N ASN B 242 -29.76 -3.19 -7.58
CA ASN B 242 -29.30 -2.66 -6.30
C ASN B 242 -29.73 -3.61 -5.19
N VAL B 243 -29.00 -3.54 -4.08
CA VAL B 243 -29.18 -4.48 -2.99
C VAL B 243 -30.59 -4.37 -2.40
N ASP B 244 -31.07 -3.14 -2.19
CA ASP B 244 -32.39 -2.94 -1.60
C ASP B 244 -33.46 -3.66 -2.41
N TYR B 245 -33.46 -3.46 -3.73
CA TYR B 245 -34.47 -4.08 -4.58
C TYR B 245 -34.35 -5.60 -4.56
N VAL B 246 -33.12 -6.11 -4.69
CA VAL B 246 -32.93 -7.55 -4.79
C VAL B 246 -33.34 -8.26 -3.50
N MET B 247 -32.89 -7.75 -2.34
CA MET B 247 -33.25 -8.41 -1.09
C MET B 247 -34.75 -8.33 -0.83
N ASN B 248 -35.35 -7.16 -1.10
CA ASN B 248 -36.80 -7.04 -0.95
C ASN B 248 -37.58 -7.85 -1.99
N TYR B 249 -36.99 -8.10 -3.18
CA TYR B 249 -37.63 -9.02 -4.13
C TYR B 249 -37.76 -10.41 -3.53
N TRP B 250 -36.66 -10.93 -2.98
CA TRP B 250 -36.68 -12.25 -2.35
C TRP B 250 -37.67 -12.27 -1.19
N LYS B 251 -37.60 -11.27 -0.32
CA LYS B 251 -38.44 -11.25 0.89
C LYS B 251 -39.93 -11.18 0.53
N ASN B 252 -40.30 -10.35 -0.44
CA ASN B 252 -41.70 -10.16 -0.78
C ASN B 252 -42.23 -11.17 -1.79
N ASN B 253 -41.40 -12.10 -2.25
CA ASN B 253 -41.89 -13.19 -3.10
C ASN B 253 -41.75 -14.55 -2.44
N GLY B 254 -41.64 -14.58 -1.11
CA GLY B 254 -41.85 -15.81 -0.39
C GLY B 254 -40.77 -16.23 0.58
N ALA B 255 -39.63 -15.50 0.64
CA ALA B 255 -38.55 -15.92 1.52
C ALA B 255 -38.63 -15.23 2.87
N PRO B 256 -38.54 -15.96 3.98
CA PRO B 256 -38.55 -15.31 5.29
C PRO B 256 -37.28 -14.50 5.52
N ALA B 257 -37.46 -13.32 6.11
CA ALA B 257 -36.32 -12.44 6.33
C ALA B 257 -35.21 -13.13 7.11
N GLU B 258 -35.59 -13.98 8.08
CA GLU B 258 -34.59 -14.59 8.95
C GLU B 258 -33.69 -15.56 8.21
N LYS B 259 -34.13 -16.11 7.08
CA LYS B 259 -33.30 -17.01 6.30
C LYS B 259 -32.51 -16.30 5.22
N LEU B 260 -32.81 -15.02 4.95
CA LEU B 260 -32.16 -14.28 3.89
C LEU B 260 -30.87 -13.64 4.38
N ILE B 261 -29.80 -13.89 3.66
CA ILE B 261 -28.45 -13.44 3.99
C ILE B 261 -28.01 -12.52 2.85
N VAL B 262 -27.56 -11.31 3.20
CA VAL B 262 -27.19 -10.30 2.20
C VAL B 262 -25.76 -10.53 1.74
N GLY B 263 -25.55 -10.48 0.43
CA GLY B 263 -24.22 -10.65 -0.14
C GLY B 263 -23.37 -9.39 -0.09
N PHE B 264 -22.15 -9.52 0.44
CA PHE B 264 -21.19 -8.43 0.56
C PHE B 264 -19.93 -8.76 -0.23
N PRO B 265 -19.59 -8.01 -1.26
CA PRO B 265 -18.35 -8.29 -2.00
C PRO B 265 -17.11 -7.62 -1.41
N GLU B 266 -16.05 -8.39 -1.26
CA GLU B 266 -14.76 -7.84 -0.79
C GLU B 266 -13.79 -7.66 -1.95
N TYR B 267 -14.38 -7.25 -3.08
CA TYR B 267 -13.67 -6.98 -4.32
C TYR B 267 -14.45 -5.88 -5.02
N GLY B 268 -13.89 -5.35 -6.11
CA GLY B 268 -14.61 -4.44 -6.97
C GLY B 268 -14.42 -4.81 -8.42
N HIS B 269 -15.24 -4.18 -9.28
CA HIS B 269 -15.15 -4.39 -10.72
C HIS B 269 -14.45 -3.22 -11.39
N THR B 270 -13.67 -3.54 -12.41
CA THR B 270 -12.84 -2.57 -13.08
C THR B 270 -13.30 -2.41 -14.52
N PHE B 271 -13.00 -1.25 -15.07
CA PHE B 271 -13.45 -0.86 -16.40
C PHE B 271 -12.36 -0.04 -17.07
N ILE B 272 -12.33 -0.05 -18.40
CA ILE B 272 -11.52 0.89 -19.19
C ILE B 272 -12.46 1.96 -19.75
N LEU B 273 -12.24 3.20 -19.35
CA LEU B 273 -13.07 4.30 -19.82
C LEU B 273 -12.84 4.53 -21.30
N ARG B 274 -13.92 4.78 -22.05
CA ARG B 274 -13.77 5.13 -23.46
C ARG B 274 -13.17 6.53 -23.61
N ASN B 275 -13.63 7.48 -22.80
CA ASN B 275 -13.04 8.82 -22.75
C ASN B 275 -12.63 9.11 -21.32
N PRO B 276 -11.34 9.19 -21.01
CA PRO B 276 -10.93 9.38 -19.60
C PRO B 276 -11.56 10.57 -18.92
N SER B 277 -11.97 11.60 -19.66
N SER B 277 -11.97 11.60 -19.66
CA SER B 277 -12.61 12.77 -19.06
CA SER B 277 -12.60 12.77 -19.06
C SER B 277 -14.04 12.52 -18.63
C SER B 277 -14.04 12.52 -18.63
N ASP B 278 -14.65 11.42 -19.09
CA ASP B 278 -16.02 11.06 -18.72
C ASP B 278 -15.90 9.91 -17.74
N ASN B 279 -15.98 10.21 -16.43
CA ASN B 279 -15.58 9.25 -15.42
C ASN B 279 -16.57 9.15 -14.28
N GLY B 280 -17.82 9.56 -14.50
CA GLY B 280 -18.86 9.38 -13.51
C GLY B 280 -19.54 8.03 -13.66
N ILE B 281 -20.63 7.88 -12.92
CA ILE B 281 -21.48 6.71 -13.08
C ILE B 281 -22.13 6.74 -14.46
N GLY B 282 -22.10 5.60 -15.15
CA GLY B 282 -22.74 5.52 -16.45
C GLY B 282 -21.90 6.01 -17.61
N ALA B 283 -20.62 6.27 -17.39
CA ALA B 283 -19.74 6.69 -18.46
C ALA B 283 -19.44 5.51 -19.38
N PRO B 284 -19.31 5.73 -20.69
CA PRO B 284 -19.04 4.61 -21.60
C PRO B 284 -17.69 3.98 -21.34
N THR B 285 -17.63 2.66 -21.52
CA THR B 285 -16.41 1.88 -21.33
C THR B 285 -16.20 0.96 -22.52
N SER B 286 -14.98 0.44 -22.63
CA SER B 286 -14.59 -0.35 -23.79
C SER B 286 -13.79 -1.57 -23.35
N GLY B 287 -14.33 -2.76 -23.63
CA GLY B 287 -13.58 -3.98 -23.46
C GLY B 287 -13.45 -4.42 -22.01
N ASP B 288 -12.59 -5.42 -21.82
CA ASP B 288 -12.35 -6.01 -20.51
C ASP B 288 -11.73 -4.98 -19.58
N GLY B 289 -12.03 -5.10 -18.28
CA GLY B 289 -11.38 -4.26 -17.30
C GLY B 289 -9.98 -4.75 -17.00
N PRO B 290 -9.15 -3.87 -16.43
CA PRO B 290 -7.79 -4.27 -16.08
C PRO B 290 -7.76 -5.33 -14.99
N ALA B 291 -6.70 -6.13 -15.02
CA ALA B 291 -6.44 -7.17 -14.03
C ALA B 291 -5.52 -6.63 -12.93
N GLY B 292 -5.58 -7.27 -11.77
CA GLY B 292 -4.70 -6.96 -10.67
C GLY B 292 -3.49 -7.88 -10.61
N PRO B 293 -2.45 -7.44 -9.88
CA PRO B 293 -1.19 -8.20 -9.88
C PRO B 293 -1.26 -9.50 -9.12
N TYR B 294 -2.17 -9.64 -8.14
CA TYR B 294 -2.33 -10.86 -7.38
C TYR B 294 -3.49 -11.72 -7.88
N THR B 295 -4.65 -11.14 -8.14
CA THR B 295 -5.80 -11.94 -8.54
C THR B 295 -5.76 -12.30 -10.02
N ARG B 296 -5.13 -11.47 -10.85
CA ARG B 296 -4.76 -11.80 -12.23
C ARG B 296 -5.97 -12.30 -13.04
N GLN B 297 -7.07 -11.57 -12.90
CA GLN B 297 -8.27 -11.85 -13.69
C GLN B 297 -8.87 -10.53 -14.15
N ALA B 298 -8.95 -10.34 -15.46
CA ALA B 298 -9.43 -9.07 -15.99
C ALA B 298 -10.81 -8.76 -15.45
N GLY B 299 -11.01 -7.52 -14.98
CA GLY B 299 -12.30 -7.05 -14.58
C GLY B 299 -12.57 -7.00 -13.09
N PHE B 300 -11.67 -7.49 -12.26
CA PHE B 300 -11.91 -7.33 -10.83
C PHE B 300 -10.60 -7.26 -10.06
N TRP B 301 -10.66 -6.51 -8.97
CA TRP B 301 -9.58 -6.41 -8.00
C TRP B 301 -10.08 -6.77 -6.61
N ALA B 302 -9.23 -7.49 -5.86
CA ALA B 302 -9.42 -7.70 -4.44
C ALA B 302 -9.33 -6.36 -3.70
N TYR B 303 -9.96 -6.32 -2.51
CA TYR B 303 -9.88 -5.11 -1.70
C TYR B 303 -8.43 -4.70 -1.43
N TYR B 304 -7.55 -5.67 -1.14
CA TYR B 304 -6.17 -5.27 -0.87
C TYR B 304 -5.49 -4.69 -2.11
N GLU B 305 -5.84 -5.19 -3.31
CA GLU B 305 -5.35 -4.57 -4.54
C GLU B 305 -5.94 -3.17 -4.73
N ILE B 306 -7.20 -2.98 -4.34
CA ILE B 306 -7.84 -1.67 -4.44
C ILE B 306 -7.08 -0.65 -3.61
N CYS B 307 -6.66 -1.04 -2.40
CA CYS B 307 -5.93 -0.12 -1.54
C CYS B 307 -4.63 0.37 -2.19
N THR B 308 -3.92 -0.52 -2.89
CA THR B 308 -2.74 -0.10 -3.63
C THR B 308 -3.10 0.89 -4.72
N PHE B 309 -4.19 0.62 -5.46
CA PHE B 309 -4.69 1.54 -6.49
C PHE B 309 -4.98 2.92 -5.91
N LEU B 310 -5.64 2.95 -4.76
CA LEU B 310 -5.93 4.23 -4.13
C LEU B 310 -4.66 4.99 -3.76
N ARG B 311 -3.62 4.27 -3.36
CA ARG B 311 -2.37 4.93 -2.99
C ARG B 311 -1.53 5.32 -4.20
N SER B 312 -1.94 4.91 -5.40
CA SER B 312 -1.15 5.12 -6.60
C SER B 312 -1.58 6.35 -7.38
N GLY B 313 -2.49 7.16 -6.84
CA GLY B 313 -2.87 8.40 -7.46
C GLY B 313 -4.32 8.46 -7.89
N ALA B 314 -5.11 7.45 -7.52
CA ALA B 314 -6.49 7.42 -7.95
C ALA B 314 -7.32 8.48 -7.23
N THR B 315 -8.37 8.94 -7.91
CA THR B 315 -9.33 9.87 -7.34
C THR B 315 -10.51 9.06 -6.79
N GLU B 316 -10.84 9.31 -5.53
CA GLU B 316 -11.94 8.59 -4.89
C GLU B 316 -13.18 9.48 -4.83
N VAL B 317 -14.33 8.91 -5.18
CA VAL B 317 -15.62 9.60 -5.16
C VAL B 317 -16.61 8.77 -4.37
N TRP B 318 -17.42 9.45 -3.53
CA TRP B 318 -18.50 8.81 -2.82
C TRP B 318 -19.78 8.98 -3.64
N ASP B 319 -20.34 7.86 -4.09
CA ASP B 319 -21.62 7.78 -4.83
C ASP B 319 -22.71 7.89 -3.77
N ALA B 320 -23.15 9.13 -3.52
CA ALA B 320 -24.00 9.37 -2.37
C ALA B 320 -25.35 8.69 -2.47
N SER B 321 -25.92 8.65 -3.67
CA SER B 321 -27.26 8.07 -3.83
C SER B 321 -27.23 6.57 -3.58
N GLN B 322 -26.12 5.90 -3.92
CA GLN B 322 -26.04 4.45 -3.80
C GLN B 322 -25.24 3.96 -2.61
N GLU B 323 -24.62 4.86 -1.87
CA GLU B 323 -23.93 4.55 -0.61
C GLU B 323 -22.72 3.64 -0.84
N VAL B 324 -21.99 3.88 -1.93
CA VAL B 324 -20.78 3.13 -2.22
C VAL B 324 -19.74 4.04 -2.84
N PRO B 325 -18.46 3.66 -2.75
CA PRO B 325 -17.39 4.45 -3.38
C PRO B 325 -17.13 4.02 -4.82
N TYR B 326 -16.53 4.93 -5.57
CA TYR B 326 -15.88 4.54 -6.82
C TYR B 326 -14.59 5.33 -6.91
N ALA B 327 -13.71 4.89 -7.82
CA ALA B 327 -12.43 5.55 -7.98
C ALA B 327 -11.95 5.41 -9.41
N TYR B 328 -11.11 6.35 -9.84
CA TYR B 328 -10.59 6.28 -11.18
C TYR B 328 -9.19 6.85 -11.23
N LYS B 329 -8.42 6.37 -12.21
CA LYS B 329 -7.08 6.88 -12.49
C LYS B 329 -6.78 6.64 -13.96
N ALA B 330 -6.44 7.69 -14.69
CA ALA B 330 -6.14 7.58 -16.12
C ALA B 330 -7.37 6.96 -16.78
N ASN B 331 -7.24 5.85 -17.51
CA ASN B 331 -8.38 5.23 -18.19
C ASN B 331 -9.04 4.13 -17.36
N GLU B 332 -8.66 3.96 -16.10
CA GLU B 332 -9.18 2.89 -15.26
C GLU B 332 -10.24 3.41 -14.29
N TRP B 333 -11.35 2.68 -14.19
CA TRP B 333 -12.46 3.05 -13.32
C TRP B 333 -12.82 1.83 -12.49
N LEU B 334 -13.15 2.06 -11.21
CA LEU B 334 -13.39 0.99 -10.26
C LEU B 334 -14.67 1.26 -9.45
N GLY B 335 -15.59 0.31 -9.44
CA GLY B 335 -16.74 0.34 -8.55
C GLY B 335 -16.53 -0.70 -7.47
N TYR B 336 -16.65 -0.28 -6.21
CA TYR B 336 -16.18 -1.18 -5.16
C TYR B 336 -16.90 -0.89 -3.83
N ASP B 337 -16.42 -1.53 -2.75
CA ASP B 337 -16.92 -1.39 -1.39
C ASP B 337 -15.76 -1.15 -0.44
N ASN B 338 -16.01 -0.32 0.57
CA ASN B 338 -15.00 -0.04 1.58
C ASN B 338 -15.61 -0.15 2.98
N ILE B 339 -14.86 0.30 4.00
CA ILE B 339 -15.39 0.14 5.34
C ILE B 339 -16.68 0.94 5.50
N LYS B 340 -16.74 2.11 4.89
CA LYS B 340 -17.92 2.97 5.04
C LYS B 340 -19.14 2.32 4.41
N SER B 341 -19.01 1.80 3.18
CA SER B 341 -20.17 1.18 2.54
C SER B 341 -20.56 -0.13 3.23
N PHE B 342 -19.58 -0.90 3.70
CA PHE B 342 -19.95 -2.09 4.47
C PHE B 342 -20.74 -1.71 5.71
N SER B 343 -20.35 -0.62 6.38
CA SER B 343 -21.05 -0.21 7.60
C SER B 343 -22.48 0.26 7.30
N VAL B 344 -22.67 1.03 6.23
CA VAL B 344 -24.01 1.50 5.87
C VAL B 344 -24.90 0.32 5.55
N LYS B 345 -24.36 -0.66 4.82
CA LYS B 345 -25.18 -1.81 4.42
C LYS B 345 -25.41 -2.75 5.58
N ALA B 346 -24.45 -2.84 6.52
CA ALA B 346 -24.70 -3.65 7.72
C ALA B 346 -25.80 -3.03 8.57
N GLN B 347 -25.79 -1.72 8.71
CA GLN B 347 -26.87 -1.04 9.41
C GLN B 347 -28.19 -1.31 8.73
N TRP B 348 -28.21 -1.19 7.39
CA TRP B 348 -29.43 -1.41 6.62
C TRP B 348 -29.99 -2.82 6.82
N LEU B 349 -29.13 -3.85 6.77
CA LEU B 349 -29.65 -5.20 6.87
C LEU B 349 -30.23 -5.46 8.26
N LYS B 350 -29.65 -4.85 9.28
CA LYS B 350 -30.22 -5.00 10.64
C LYS B 350 -31.56 -4.30 10.73
N GLN B 351 -31.65 -3.11 10.15
CA GLN B 351 -32.89 -2.36 10.18
C GLN B 351 -34.00 -3.08 9.44
N ASN B 352 -33.65 -3.94 8.47
CA ASN B 352 -34.62 -4.67 7.67
C ASN B 352 -34.79 -6.13 8.09
N ASN B 353 -34.22 -6.52 9.22
CA ASN B 353 -34.51 -7.80 9.87
C ASN B 353 -34.01 -9.01 9.07
N PHE B 354 -32.93 -8.87 8.32
CA PHE B 354 -32.39 -10.02 7.61
C PHE B 354 -31.55 -10.87 8.55
N GLY B 355 -31.23 -12.07 8.09
CA GLY B 355 -30.54 -13.05 8.93
C GLY B 355 -29.06 -12.79 9.13
N GLY B 356 -28.48 -11.92 8.33
CA GLY B 356 -27.07 -11.66 8.44
C GLY B 356 -26.48 -11.35 7.08
N ALA B 357 -25.18 -11.54 7.00
CA ALA B 357 -24.39 -11.20 5.83
C ALA B 357 -23.54 -12.38 5.40
N MET B 358 -23.25 -12.45 4.10
CA MET B 358 -22.22 -13.37 3.63
C MET B 358 -21.21 -12.56 2.84
N ILE B 359 -19.99 -13.07 2.79
N ILE B 359 -19.96 -12.99 2.84
CA ILE B 359 -18.85 -12.40 2.20
CA ILE B 359 -18.91 -12.27 2.13
C ILE B 359 -18.31 -13.24 1.04
C ILE B 359 -18.30 -13.16 1.06
N TRP B 360 -18.16 -12.62 -0.14
CA TRP B 360 -17.42 -13.22 -1.24
C TRP B 360 -16.26 -12.27 -1.48
N ALA B 361 -15.04 -12.68 -1.10
CA ALA B 361 -14.63 -13.87 -0.37
C ALA B 361 -13.55 -13.42 0.62
N ILE B 362 -13.37 -14.16 1.71
CA ILE B 362 -12.48 -13.69 2.78
C ILE B 362 -11.03 -13.58 2.33
N ASP B 363 -10.62 -14.34 1.33
CA ASP B 363 -9.27 -14.28 0.78
C ASP B 363 -9.04 -13.02 -0.06
N LEU B 364 -10.08 -12.21 -0.30
CA LEU B 364 -9.94 -10.94 -1.01
C LEU B 364 -9.82 -9.74 -0.06
N ASP B 365 -10.13 -9.92 1.22
CA ASP B 365 -9.90 -8.90 2.25
C ASP B 365 -8.39 -8.68 2.42
N ASP B 366 -8.03 -7.58 3.09
CA ASP B 366 -6.62 -7.35 3.44
C ASP B 366 -6.26 -8.19 4.66
N PHE B 367 -6.15 -9.50 4.43
CA PHE B 367 -5.97 -10.44 5.54
C PHE B 367 -4.63 -10.27 6.23
N THR B 368 -3.60 -9.81 5.50
CA THR B 368 -2.30 -9.58 6.12
C THR B 368 -2.22 -8.24 6.82
N GLY B 369 -3.15 -7.33 6.51
CA GLY B 369 -3.08 -5.96 6.98
C GLY B 369 -2.00 -5.11 6.34
N SER B 370 -1.29 -5.63 5.34
N SER B 370 -1.29 -5.64 5.34
CA SER B 370 -0.12 -4.93 4.81
CA SER B 370 -0.12 -4.98 4.79
C SER B 370 -0.41 -4.04 3.60
C SER B 370 -0.42 -4.00 3.65
N PHE B 371 -1.65 -3.98 3.12
CA PHE B 371 -1.98 -3.19 1.95
C PHE B 371 -2.79 -1.94 2.25
N CYS B 372 -3.63 -1.96 3.29
CA CYS B 372 -4.64 -0.93 3.48
C CYS B 372 -4.42 -0.07 4.72
N ASP B 373 -3.52 -0.48 5.62
CA ASP B 373 -3.29 0.22 6.89
C ASP B 373 -4.58 0.36 7.69
N GLN B 374 -5.42 -0.68 7.63
CA GLN B 374 -6.67 -0.72 8.36
C GLN B 374 -6.76 -1.94 9.30
N GLY B 375 -5.62 -2.55 9.61
CA GLY B 375 -5.58 -3.75 10.44
C GLY B 375 -5.86 -5.00 9.62
N LYS B 376 -5.79 -6.14 10.28
CA LYS B 376 -6.07 -7.40 9.62
C LYS B 376 -7.57 -7.54 9.32
N PHE B 377 -7.89 -8.06 8.14
CA PHE B 377 -9.26 -8.34 7.75
C PHE B 377 -10.18 -7.12 7.96
N PRO B 378 -9.85 -5.98 7.37
CA PRO B 378 -10.64 -4.77 7.67
C PRO B 378 -12.11 -4.86 7.30
N LEU B 379 -12.43 -5.41 6.13
CA LEU B 379 -13.82 -5.45 5.73
C LEU B 379 -14.60 -6.50 6.52
N THR B 380 -14.00 -7.68 6.72
CA THR B 380 -14.68 -8.74 7.47
C THR B 380 -14.85 -8.36 8.94
N SER B 381 -13.83 -7.71 9.53
CA SER B 381 -13.94 -7.24 10.91
C SER B 381 -15.04 -6.19 11.06
N THR B 382 -15.20 -5.35 10.04
CA THR B 382 -16.27 -4.36 10.07
C THR B 382 -17.63 -5.04 10.26
N LEU B 383 -17.86 -6.12 9.52
CA LEU B 383 -19.13 -6.83 9.64
C LEU B 383 -19.21 -7.61 10.95
N ASN B 384 -18.11 -8.22 11.38
CA ASN B 384 -18.08 -8.90 12.67
C ASN B 384 -18.54 -7.96 13.77
N LYS B 385 -18.03 -6.73 13.76
CA LYS B 385 -18.40 -5.78 14.80
C LYS B 385 -19.82 -5.26 14.61
N ALA B 386 -20.20 -4.91 13.37
CA ALA B 386 -21.54 -4.37 13.14
C ALA B 386 -22.63 -5.37 13.47
N LEU B 387 -22.38 -6.67 13.27
CA LEU B 387 -23.37 -7.70 13.52
C LEU B 387 -23.25 -8.35 14.90
N GLY B 388 -22.31 -7.92 15.72
CA GLY B 388 -22.23 -8.45 17.08
C GLY B 388 -21.79 -9.90 17.17
N ILE B 389 -20.95 -10.33 16.23
CA ILE B 389 -20.64 -11.76 16.10
C ILE B 389 -19.83 -12.28 17.29
N SER B 390 -18.93 -11.46 17.83
CA SER B 390 -18.03 -11.89 18.89
C SER B 390 -18.32 -11.24 20.23
N THR B 391 -19.48 -10.61 20.38
CA THR B 391 -19.77 -9.89 21.62
C THR B 391 -19.98 -10.85 22.79
N HIS B 392 -19.50 -10.46 23.97
CA HIS B 392 -19.74 -11.18 25.21
C HIS B 392 -20.74 -10.39 26.06
N HIS B 393 -21.74 -11.10 26.59
CA HIS B 393 -22.62 -10.54 27.61
C HIS B 393 -21.93 -10.66 28.97
N HIS B 394 -21.65 -9.52 29.62
CA HIS B 394 -20.80 -9.53 30.82
C HIS B 394 -21.55 -9.44 32.14
N HIS B 395 -22.84 -9.12 32.14
CA HIS B 395 -23.64 -9.14 33.37
C HIS B 395 -23.10 -8.17 34.41
N HIS B 396 -22.39 -7.15 33.97
CA HIS B 396 -22.01 -6.02 34.80
C HIS B 396 -21.71 -4.88 33.85
N HIS B 397 -21.62 -3.67 34.41
N HIS B 397 -21.60 -3.68 34.41
CA HIS B 397 -21.35 -2.46 33.63
CA HIS B 397 -21.31 -2.48 33.63
C HIS B 397 -19.91 -2.44 33.13
C HIS B 397 -19.88 -2.50 33.08
#